data_4IIY
#
_entry.id   4IIY
#
_cell.length_a   54.525
_cell.length_b   86.087
_cell.length_c   73.225
_cell.angle_alpha   90.000
_cell.angle_beta   101.190
_cell.angle_gamma   90.000
#
_symmetry.space_group_name_H-M   'P 1 21 1'
#
loop_
_entity.id
_entity.type
_entity.pdbx_description
1 polymer MccF
2 non-polymer "5'-O-(L-alpha-glutamylsulfamoyl)inosine"
3 non-polymer 1,2-ETHANEDIOL
4 water water
#
_entity_poly.entity_id   1
_entity_poly.type   'polypeptide(L)'
_entity_poly.pdbx_seq_one_letter_code
;MGHHHHHHHHHHHHSSGHIDDDDKHMLEMIQSHPLLAAPLAVGDTIGFFSSSAPATVTAKNRFFRGVEFLQRKGFKLVSG
KLTGKTDFYRSGTIKERAQEFNELVYNPDITCIMSTIGGDNSNSLLPFLDYDAIIANPKIIIGYADTTALLAGIYAKTGL
ITFYGPALIPSFGEHPPLVDITYESFIKILTRKQSGIYTYTLPEKWSDESINWNENKILRPKKLYKNNCAFYGSGKVEGR
VIGGNLNTLTGIWGSEWMPEIRNGDILFIEDSRKSIATVERLFSMLKLNRVFDKVSAIILGKHELFDCAGSKRRPYEVLT
EVLDGKQIPVLDGFDCSHTHPMLTLPLGVKLAIDFDNKNISITEQYLSTEK
;
_entity_poly.pdbx_strand_id   A,B
#
# COMPACT_ATOMS: atom_id res chain seq x y z
N PRO A 34 -14.20 -17.90 -19.98
CA PRO A 34 -14.47 -17.45 -18.61
C PRO A 34 -15.81 -17.95 -18.08
N LEU A 35 -15.97 -17.88 -16.76
CA LEU A 35 -17.23 -18.25 -16.12
C LEU A 35 -18.14 -17.02 -16.11
N LEU A 36 -19.36 -17.18 -16.60
CA LEU A 36 -20.28 -16.05 -16.78
C LEU A 36 -21.54 -16.17 -15.93
N ALA A 37 -21.91 -15.08 -15.27
CA ALA A 37 -23.17 -15.01 -14.55
C ALA A 37 -24.34 -14.75 -15.52
N ALA A 38 -25.56 -15.08 -15.07
CA ALA A 38 -26.76 -14.70 -15.81
C ALA A 38 -26.99 -13.20 -15.77
N PRO A 39 -27.56 -12.64 -16.84
CA PRO A 39 -27.82 -11.19 -16.88
C PRO A 39 -28.81 -10.78 -15.81
N LEU A 40 -28.74 -9.51 -15.42
CA LEU A 40 -29.70 -8.93 -14.51
C LEU A 40 -31.00 -8.65 -15.25
N ALA A 41 -32.10 -8.69 -14.51
CA ALA A 41 -33.40 -8.23 -15.03
C ALA A 41 -34.07 -7.34 -13.98
N VAL A 42 -34.79 -6.32 -14.45
CA VAL A 42 -35.60 -5.53 -13.54
C VAL A 42 -36.52 -6.45 -12.78
N GLY A 43 -36.60 -6.25 -11.47
CA GLY A 43 -37.40 -7.11 -10.63
C GLY A 43 -36.60 -8.19 -9.91
N ASP A 44 -35.33 -8.36 -10.30
CA ASP A 44 -34.47 -9.33 -9.62
C ASP A 44 -34.17 -8.93 -8.18
N THR A 45 -33.64 -9.88 -7.43
CA THR A 45 -33.18 -9.62 -6.07
C THR A 45 -31.68 -9.34 -6.03
N ILE A 46 -31.34 -8.22 -5.41
CA ILE A 46 -29.96 -7.82 -5.19
C ILE A 46 -29.65 -7.97 -3.71
N GLY A 47 -28.59 -8.69 -3.37
CA GLY A 47 -28.15 -8.77 -1.99
C GLY A 47 -26.95 -7.87 -1.77
N PHE A 48 -26.85 -7.26 -0.60
CA PHE A 48 -25.72 -6.38 -0.32
C PHE A 48 -24.95 -6.78 0.94
N PHE A 49 -23.64 -6.50 0.92
CA PHE A 49 -22.74 -6.93 1.98
C PHE A 49 -21.76 -5.80 2.30
N SER A 50 -21.23 -5.84 3.52
CA SER A 50 -20.28 -4.83 4.00
C SER A 50 -18.96 -5.51 4.36
N SER A 51 -18.05 -5.61 3.40
CA SER A 51 -16.81 -6.34 3.61
C SER A 51 -15.73 -5.52 4.31
N SER A 52 -16.00 -4.25 4.59
CA SER A 52 -15.03 -3.42 5.29
C SER A 52 -15.69 -2.36 6.18
N ALA A 53 -15.78 -1.12 5.72
CA ALA A 53 -16.31 -0.05 6.56
C ALA A 53 -17.80 -0.23 6.84
N PRO A 54 -18.25 0.06 8.07
CA PRO A 54 -19.64 -0.17 8.46
C PRO A 54 -20.57 0.99 8.09
N ALA A 55 -20.60 1.36 6.81
CA ALA A 55 -21.31 2.56 6.40
C ALA A 55 -22.84 2.46 6.44
N THR A 56 -23.42 1.27 6.57
CA THR A 56 -24.88 1.21 6.78
C THR A 56 -25.23 1.88 8.11
N VAL A 57 -24.25 1.99 8.99
CA VAL A 57 -24.42 2.72 10.25
C VAL A 57 -23.88 4.15 10.16
N THR A 58 -22.65 4.30 9.68
CA THR A 58 -22.00 5.62 9.71
C THR A 58 -22.47 6.56 8.61
N ALA A 59 -23.10 6.03 7.56
CA ALA A 59 -23.71 6.84 6.51
C ALA A 59 -25.14 6.37 6.28
N LYS A 60 -25.90 6.28 7.37
CA LYS A 60 -27.22 5.68 7.33
C LYS A 60 -28.19 6.42 6.42
N ASN A 61 -28.11 7.75 6.40
CA ASN A 61 -29.00 8.52 5.52
C ASN A 61 -28.75 8.20 4.06
N ARG A 62 -27.47 8.18 3.67
CA ARG A 62 -27.11 7.88 2.29
C ARG A 62 -27.46 6.42 1.94
N PHE A 63 -27.23 5.53 2.89
CA PHE A 63 -27.63 4.13 2.73
C PHE A 63 -29.13 4.00 2.41
N PHE A 64 -29.98 4.64 3.20
CA PHE A 64 -31.42 4.61 2.95
C PHE A 64 -31.79 5.18 1.59
N ARG A 65 -31.11 6.25 1.18
CA ARG A 65 -31.34 6.79 -0.16
C ARG A 65 -31.03 5.76 -1.24
N GLY A 66 -29.94 5.01 -1.08
CA GLY A 66 -29.58 4.02 -2.08
C GLY A 66 -30.58 2.88 -2.13
N VAL A 67 -30.99 2.41 -0.96
CA VAL A 67 -32.01 1.37 -0.88
C VAL A 67 -33.29 1.81 -1.56
N GLU A 68 -33.76 3.01 -1.23
CA GLU A 68 -34.99 3.52 -1.81
C GLU A 68 -34.87 3.69 -3.32
N PHE A 69 -33.72 4.17 -3.78
CA PHE A 69 -33.49 4.35 -5.21
C PHE A 69 -33.67 3.03 -5.99
N LEU A 70 -32.99 1.99 -5.55
CA LEU A 70 -33.08 0.70 -6.25
C LEU A 70 -34.45 0.05 -6.10
N GLN A 71 -35.07 0.20 -4.94
CA GLN A 71 -36.42 -0.35 -4.76
C GLN A 71 -37.40 0.33 -5.72
N ARG A 72 -37.26 1.62 -5.90
CA ARG A 72 -38.15 2.35 -6.80
C ARG A 72 -38.01 1.88 -8.25
N LYS A 73 -36.81 1.41 -8.61
CA LYS A 73 -36.57 0.85 -9.94
C LYS A 73 -37.20 -0.53 -10.11
N GLY A 74 -37.67 -1.12 -9.01
CA GLY A 74 -38.34 -2.41 -9.07
C GLY A 74 -37.56 -3.57 -8.49
N PHE A 75 -36.34 -3.32 -8.00
CA PHE A 75 -35.54 -4.40 -7.44
C PHE A 75 -35.97 -4.77 -6.02
N LYS A 76 -35.83 -6.04 -5.68
CA LYS A 76 -35.96 -6.49 -4.30
C LYS A 76 -34.57 -6.53 -3.70
N LEU A 77 -34.44 -6.09 -2.45
CA LEU A 77 -33.14 -6.06 -1.79
C LEU A 77 -33.08 -6.99 -0.59
N VAL A 78 -31.99 -7.74 -0.49
CA VAL A 78 -31.71 -8.57 0.66
C VAL A 78 -30.51 -7.99 1.40
N SER A 79 -30.70 -7.70 2.67
CA SER A 79 -29.64 -7.11 3.48
CA SER A 79 -29.65 -7.11 3.50
CA SER A 79 -29.65 -7.11 3.49
C SER A 79 -28.72 -8.17 4.08
N GLY A 80 -27.43 -8.02 3.86
CA GLY A 80 -26.45 -8.93 4.45
C GLY A 80 -26.52 -8.88 5.96
N LYS A 81 -26.10 -9.95 6.61
CA LYS A 81 -26.27 -10.08 8.06
C LYS A 81 -25.48 -9.07 8.89
N LEU A 82 -24.52 -8.35 8.30
CA LEU A 82 -23.79 -7.34 9.07
C LEU A 82 -24.36 -5.94 8.90
N THR A 83 -25.46 -5.82 8.16
CA THR A 83 -26.11 -4.52 8.03
C THR A 83 -26.52 -3.99 9.40
N GLY A 84 -26.19 -2.75 9.70
CA GLY A 84 -26.55 -2.15 10.98
C GLY A 84 -25.62 -2.52 12.13
N LYS A 85 -24.57 -3.28 11.85
CA LYS A 85 -23.59 -3.63 12.87
C LYS A 85 -22.33 -2.78 12.76
N THR A 86 -21.63 -2.60 13.88
CA THR A 86 -20.33 -1.94 13.85
C THR A 86 -19.31 -2.63 14.74
N ASP A 87 -18.08 -2.73 14.25
CA ASP A 87 -16.94 -3.12 15.07
C ASP A 87 -15.87 -2.06 14.89
N PHE A 88 -16.19 -0.86 15.37
CA PHE A 88 -15.32 0.30 15.26
C PHE A 88 -15.07 0.65 13.78
N TYR A 89 -13.92 0.23 13.24
CA TYR A 89 -13.51 0.61 11.89
C TYR A 89 -14.03 -0.31 10.79
N ARG A 90 -14.70 -1.39 11.17
CA ARG A 90 -15.15 -2.42 10.23
C ARG A 90 -16.52 -2.91 10.66
N SER A 91 -17.16 -3.71 9.80
CA SER A 91 -18.50 -4.19 10.06
C SER A 91 -18.53 -5.39 11.00
N GLY A 92 -17.41 -6.09 11.11
CA GLY A 92 -17.37 -7.30 11.93
C GLY A 92 -16.04 -8.00 11.78
N THR A 93 -15.87 -9.14 12.45
CA THR A 93 -14.64 -9.90 12.35
C THR A 93 -14.39 -10.37 10.92
N ILE A 94 -13.15 -10.75 10.63
CA ILE A 94 -12.80 -11.31 9.33
C ILE A 94 -13.74 -12.47 8.98
N LYS A 95 -13.89 -13.40 9.90
CA LYS A 95 -14.72 -14.56 9.61
C LYS A 95 -16.19 -14.24 9.42
N GLU A 96 -16.73 -13.32 10.22
CA GLU A 96 -18.13 -12.92 10.07
CA GLU A 96 -18.12 -12.95 10.07
C GLU A 96 -18.38 -12.22 8.75
N ARG A 97 -17.42 -11.41 8.30
CA ARG A 97 -17.56 -10.74 7.01
C ARG A 97 -17.53 -11.75 5.86
N ALA A 98 -16.66 -12.75 5.94
CA ALA A 98 -16.64 -13.78 4.92
C ALA A 98 -17.98 -14.53 4.91
N GLN A 99 -18.50 -14.83 6.09
CA GLN A 99 -19.80 -15.50 6.18
C GLN A 99 -20.92 -14.67 5.57
N GLU A 100 -20.90 -13.36 5.83
CA GLU A 100 -21.93 -12.48 5.28
C GLU A 100 -21.99 -12.62 3.76
N PHE A 101 -20.82 -12.57 3.14
CA PHE A 101 -20.73 -12.68 1.69
C PHE A 101 -21.16 -14.06 1.21
N ASN A 102 -20.62 -15.10 1.85
CA ASN A 102 -20.93 -16.47 1.44
C ASN A 102 -22.44 -16.75 1.49
N GLU A 103 -23.11 -16.25 2.53
CA GLU A 103 -24.54 -16.46 2.67
C GLU A 103 -25.33 -15.88 1.50
N LEU A 104 -24.86 -14.78 0.93
CA LEU A 104 -25.51 -14.23 -0.26
C LEU A 104 -25.29 -15.12 -1.47
N VAL A 105 -24.10 -15.71 -1.58
CA VAL A 105 -23.84 -16.66 -2.66
C VAL A 105 -24.78 -17.88 -2.55
N TYR A 106 -25.07 -18.33 -1.32
CA TYR A 106 -25.91 -19.51 -1.12
C TYR A 106 -27.40 -19.24 -1.34
N ASN A 107 -27.79 -17.99 -1.40
CA ASN A 107 -29.20 -17.63 -1.56
C ASN A 107 -29.64 -17.76 -3.03
N PRO A 108 -30.53 -18.72 -3.33
CA PRO A 108 -30.84 -18.97 -4.75
C PRO A 108 -31.64 -17.88 -5.41
N ASP A 109 -32.23 -16.99 -4.61
CA ASP A 109 -33.04 -15.92 -5.15
C ASP A 109 -32.22 -14.72 -5.63
N ILE A 110 -30.96 -14.63 -5.20
CA ILE A 110 -30.12 -13.47 -5.49
C ILE A 110 -29.40 -13.59 -6.83
N THR A 111 -29.56 -12.59 -7.69
CA THR A 111 -28.87 -12.63 -8.97
CA THR A 111 -28.95 -12.54 -9.02
C THR A 111 -27.69 -11.68 -9.02
N CYS A 112 -27.63 -10.75 -8.06
CA CYS A 112 -26.55 -9.76 -8.00
C CYS A 112 -26.16 -9.53 -6.56
N ILE A 113 -24.86 -9.62 -6.30
CA ILE A 113 -24.28 -9.35 -4.98
C ILE A 113 -23.51 -8.05 -5.09
N MET A 114 -23.96 -7.04 -4.34
CA MET A 114 -23.48 -5.67 -4.45
C MET A 114 -22.85 -5.19 -3.15
N SER A 115 -21.65 -4.64 -3.23
CA SER A 115 -21.00 -4.04 -2.07
C SER A 115 -21.80 -2.84 -1.56
N THR A 116 -21.89 -2.65 -0.24
CA THR A 116 -22.45 -1.41 0.30
C THR A 116 -21.47 -0.25 0.15
N ILE A 117 -20.19 -0.52 0.43
CA ILE A 117 -19.12 0.48 0.39
C ILE A 117 -17.81 -0.27 0.58
N GLY A 118 -16.69 0.40 0.31
CA GLY A 118 -15.37 -0.17 0.50
C GLY A 118 -14.82 0.07 1.89
N GLY A 119 -13.58 0.53 1.95
CA GLY A 119 -12.87 0.71 3.20
C GLY A 119 -11.40 0.37 3.01
N ASP A 120 -10.93 -0.67 3.69
CA ASP A 120 -9.52 -1.04 3.69
C ASP A 120 -9.28 -2.53 3.82
N ASN A 121 -10.31 -3.30 4.18
CA ASN A 121 -10.11 -4.61 4.80
C ASN A 121 -10.69 -5.82 4.10
N SER A 122 -11.16 -5.67 2.86
CA SER A 122 -11.76 -6.79 2.14
CA SER A 122 -11.78 -6.83 2.25
C SER A 122 -10.75 -7.91 1.90
N ASN A 123 -9.48 -7.56 1.71
CA ASN A 123 -8.49 -8.59 1.45
C ASN A 123 -8.42 -9.66 2.54
N SER A 124 -8.77 -9.28 3.78
CA SER A 124 -8.78 -10.25 4.87
C SER A 124 -9.68 -11.45 4.63
N LEU A 125 -10.76 -11.25 3.87
CA LEU A 125 -11.77 -12.28 3.68
C LEU A 125 -11.33 -13.40 2.75
N LEU A 126 -10.30 -13.14 1.95
CA LEU A 126 -10.00 -14.01 0.80
C LEU A 126 -9.75 -15.50 1.13
N PRO A 127 -9.10 -15.81 2.27
CA PRO A 127 -8.91 -17.25 2.56
C PRO A 127 -10.22 -17.97 2.89
N PHE A 128 -11.28 -17.22 3.14
CA PHE A 128 -12.50 -17.76 3.74
C PHE A 128 -13.72 -17.68 2.83
N LEU A 129 -13.57 -17.12 1.63
CA LEU A 129 -14.69 -17.10 0.70
C LEU A 129 -14.94 -18.49 0.12
N ASP A 130 -16.20 -18.77 -0.19
CA ASP A 130 -16.56 -20.08 -0.72
C ASP A 130 -16.49 -20.05 -2.26
N TYR A 131 -15.27 -20.23 -2.78
CA TYR A 131 -15.04 -20.17 -4.22
C TYR A 131 -15.76 -21.28 -4.96
N ASP A 132 -15.84 -22.46 -4.34
CA ASP A 132 -16.55 -23.57 -4.98
C ASP A 132 -18.03 -23.26 -5.14
N ALA A 133 -18.63 -22.62 -4.14
CA ALA A 133 -20.03 -22.22 -4.24
C ALA A 133 -20.24 -21.14 -5.32
N ILE A 134 -19.26 -20.26 -5.46
CA ILE A 134 -19.32 -19.23 -6.51
C ILE A 134 -19.30 -19.91 -7.89
N ILE A 135 -18.43 -20.89 -8.07
CA ILE A 135 -18.36 -21.60 -9.34
C ILE A 135 -19.68 -22.33 -9.61
N ALA A 136 -20.26 -22.91 -8.57
CA ALA A 136 -21.48 -23.71 -8.71
C ALA A 136 -22.71 -22.86 -9.05
N ASN A 137 -22.74 -21.60 -8.61
CA ASN A 137 -23.84 -20.70 -8.99
C ASN A 137 -23.35 -19.29 -9.18
N PRO A 138 -22.80 -19.04 -10.37
CA PRO A 138 -22.24 -17.73 -10.67
C PRO A 138 -23.33 -16.66 -10.60
N LYS A 139 -22.96 -15.54 -10.00
CA LYS A 139 -23.84 -14.39 -9.88
CA LYS A 139 -23.85 -14.39 -9.93
C LYS A 139 -23.05 -13.15 -10.28
N ILE A 140 -23.76 -12.05 -10.54
CA ILE A 140 -23.12 -10.76 -10.77
C ILE A 140 -22.57 -10.25 -9.44
N ILE A 141 -21.27 -10.03 -9.36
CA ILE A 141 -20.66 -9.47 -8.17
CA ILE A 141 -20.62 -9.50 -8.17
C ILE A 141 -20.09 -8.12 -8.57
N ILE A 142 -20.48 -7.08 -7.83
CA ILE A 142 -20.17 -5.72 -8.25
C ILE A 142 -19.83 -4.82 -7.06
N GLY A 143 -18.86 -3.94 -7.30
CA GLY A 143 -18.43 -2.95 -6.32
C GLY A 143 -17.17 -2.29 -6.84
N TYR A 144 -16.51 -1.53 -5.99
CA TYR A 144 -15.29 -0.86 -6.43
C TYR A 144 -14.41 -0.53 -5.22
N ALA A 145 -13.32 0.20 -5.46
CA ALA A 145 -12.47 0.67 -4.38
C ALA A 145 -11.86 -0.52 -3.62
N ASP A 146 -11.96 -0.54 -2.30
CA ASP A 146 -11.39 -1.66 -1.55
C ASP A 146 -11.93 -3.01 -1.99
N THR A 147 -13.16 -3.02 -2.50
CA THR A 147 -13.76 -4.28 -2.91
C THR A 147 -13.03 -4.93 -4.09
N THR A 148 -12.17 -4.17 -4.75
CA THR A 148 -11.24 -4.73 -5.73
C THR A 148 -10.59 -6.00 -5.22
N ALA A 149 -10.24 -6.07 -3.94
CA ALA A 149 -9.59 -7.29 -3.44
C ALA A 149 -10.47 -8.51 -3.70
N LEU A 150 -11.77 -8.37 -3.49
CA LEU A 150 -12.70 -9.47 -3.73
C LEU A 150 -12.93 -9.72 -5.21
N LEU A 151 -13.11 -8.65 -5.99
CA LEU A 151 -13.35 -8.82 -7.42
C LEU A 151 -12.19 -9.55 -8.08
N ALA A 152 -10.98 -9.09 -7.77
CA ALA A 152 -9.77 -9.67 -8.33
C ALA A 152 -9.54 -11.08 -7.78
N GLY A 153 -9.69 -11.26 -6.48
CA GLY A 153 -9.47 -12.58 -5.89
C GLY A 153 -10.44 -13.63 -6.37
N ILE A 154 -11.71 -13.26 -6.49
CA ILE A 154 -12.71 -14.19 -7.03
C ILE A 154 -12.38 -14.57 -8.47
N TYR A 155 -12.00 -13.59 -9.29
CA TYR A 155 -11.60 -13.90 -10.65
C TYR A 155 -10.39 -14.85 -10.69
N ALA A 156 -9.39 -14.58 -9.86
CA ALA A 156 -8.20 -15.42 -9.82
C ALA A 156 -8.53 -16.87 -9.48
N LYS A 157 -9.47 -17.07 -8.56
CA LYS A 157 -9.79 -18.41 -8.07
C LYS A 157 -10.81 -19.15 -8.92
N THR A 158 -11.67 -18.43 -9.64
CA THR A 158 -12.82 -19.05 -10.29
C THR A 158 -12.96 -18.74 -11.78
N GLY A 159 -12.32 -17.67 -12.25
CA GLY A 159 -12.50 -17.24 -13.62
C GLY A 159 -13.80 -16.48 -13.86
N LEU A 160 -14.57 -16.22 -12.80
CA LEU A 160 -15.82 -15.47 -12.93
C LEU A 160 -15.57 -14.04 -13.38
N ILE A 161 -16.33 -13.61 -14.37
CA ILE A 161 -16.30 -12.21 -14.77
C ILE A 161 -17.15 -11.39 -13.80
N THR A 162 -16.45 -10.58 -13.00
CA THR A 162 -17.04 -9.68 -12.02
C THR A 162 -17.00 -8.25 -12.55
N PHE A 163 -17.55 -7.30 -11.79
CA PHE A 163 -17.81 -5.97 -12.32
C PHE A 163 -17.26 -4.87 -11.42
N TYR A 164 -16.47 -3.99 -12.01
CA TYR A 164 -16.07 -2.75 -11.37
C TYR A 164 -17.19 -1.76 -11.61
N GLY A 165 -17.92 -1.41 -10.55
CA GLY A 165 -19.11 -0.61 -10.72
C GLY A 165 -19.70 -0.22 -9.40
N PRO A 166 -20.96 0.24 -9.43
CA PRO A 166 -21.62 0.83 -8.26
C PRO A 166 -21.61 0.00 -7.00
N ALA A 167 -21.34 0.70 -5.90
CA ALA A 167 -21.63 0.19 -4.57
C ALA A 167 -22.87 0.94 -4.05
N LEU A 168 -23.67 0.28 -3.24
CA LEU A 168 -24.98 0.79 -2.88
C LEU A 168 -24.94 2.18 -2.28
N ILE A 169 -24.06 2.39 -1.30
CA ILE A 169 -24.07 3.65 -0.56
C ILE A 169 -23.46 4.83 -1.34
N PRO A 170 -22.17 4.74 -1.75
CA PRO A 170 -21.61 5.89 -2.47
C PRO A 170 -22.26 6.10 -3.84
N SER A 171 -22.59 5.02 -4.54
CA SER A 171 -23.03 5.16 -5.93
C SER A 171 -24.53 5.45 -6.05
N PHE A 172 -25.35 4.67 -5.37
CA PHE A 172 -26.80 4.82 -5.51
C PHE A 172 -27.44 5.71 -4.46
N GLY A 173 -26.68 6.11 -3.44
CA GLY A 173 -27.12 7.14 -2.51
C GLY A 173 -26.77 8.55 -2.94
N GLU A 174 -26.09 8.68 -4.08
CA GLU A 174 -25.80 9.97 -4.69
C GLU A 174 -27.10 10.65 -5.11
N HIS A 175 -27.19 11.97 -4.94
CA HIS A 175 -28.38 12.69 -5.40
C HIS A 175 -28.43 12.78 -6.91
N PRO A 176 -29.64 12.89 -7.47
CA PRO A 176 -29.73 13.29 -8.88
C PRO A 176 -29.04 14.63 -9.04
N PRO A 177 -28.54 14.95 -10.24
CA PRO A 177 -28.75 14.18 -11.47
C PRO A 177 -27.71 13.07 -11.72
N LEU A 178 -26.60 13.10 -11.00
CA LEU A 178 -25.49 12.20 -11.36
C LEU A 178 -25.83 10.73 -11.14
N VAL A 179 -26.63 10.45 -10.12
CA VAL A 179 -27.01 9.06 -9.84
C VAL A 179 -27.75 8.45 -11.03
N ASP A 180 -28.49 9.26 -11.78
CA ASP A 180 -29.24 8.73 -12.92
C ASP A 180 -28.33 8.25 -14.04
N ILE A 181 -27.20 8.93 -14.23
CA ILE A 181 -26.24 8.55 -15.24
C ILE A 181 -25.51 7.26 -14.83
N THR A 182 -25.16 7.16 -13.55
CA THR A 182 -24.61 5.94 -12.99
C THR A 182 -25.57 4.78 -13.22
N TYR A 183 -26.84 4.99 -12.89
CA TYR A 183 -27.82 3.92 -13.03
C TYR A 183 -28.00 3.50 -14.50
N GLU A 184 -28.02 4.46 -15.40
CA GLU A 184 -28.17 4.16 -16.81
C GLU A 184 -27.09 3.21 -17.30
N SER A 185 -25.85 3.41 -16.87
CA SER A 185 -24.77 2.50 -17.27
C SER A 185 -24.93 1.12 -16.63
N PHE A 186 -25.22 1.10 -15.34
CA PHE A 186 -25.43 -0.14 -14.60
C PHE A 186 -26.47 -1.03 -15.28
N ILE A 187 -27.63 -0.44 -15.59
CA ILE A 187 -28.71 -1.22 -16.15
C ILE A 187 -28.43 -1.61 -17.61
N LYS A 188 -27.80 -0.71 -18.38
CA LYS A 188 -27.46 -1.03 -19.75
C LYS A 188 -26.49 -2.22 -19.83
N ILE A 189 -25.40 -2.14 -19.07
CA ILE A 189 -24.36 -3.15 -19.14
C ILE A 189 -24.90 -4.52 -18.68
N LEU A 190 -25.67 -4.51 -17.60
CA LEU A 190 -26.06 -5.76 -16.98
C LEU A 190 -27.32 -6.40 -17.57
N THR A 191 -28.09 -5.66 -18.36
CA THR A 191 -29.32 -6.22 -18.95
C THR A 191 -29.30 -6.37 -20.48
N ARG A 192 -28.36 -5.72 -21.17
CA ARG A 192 -28.36 -5.76 -22.63
C ARG A 192 -28.15 -7.16 -23.18
N LYS A 193 -28.68 -7.40 -24.38
CA LYS A 193 -28.39 -8.62 -25.09
C LYS A 193 -26.90 -8.70 -25.42
N GLN A 194 -26.35 -9.90 -25.34
CA GLN A 194 -24.93 -10.11 -25.62
C GLN A 194 -24.73 -10.39 -27.09
N SER A 195 -24.93 -9.35 -27.90
CA SER A 195 -24.78 -9.45 -29.35
C SER A 195 -24.07 -8.21 -29.86
N GLY A 196 -22.94 -8.40 -30.53
CA GLY A 196 -22.16 -7.28 -31.02
C GLY A 196 -21.43 -6.59 -29.89
N ILE A 197 -20.49 -5.71 -30.24
CA ILE A 197 -19.72 -4.99 -29.26
C ILE A 197 -20.60 -3.97 -28.56
N TYR A 198 -20.19 -3.56 -27.37
CA TYR A 198 -20.85 -2.47 -26.67
C TYR A 198 -19.89 -1.28 -26.55
N THR A 199 -20.27 -0.14 -27.10
CA THR A 199 -19.45 1.06 -27.03
C THR A 199 -19.96 2.00 -25.95
N TYR A 200 -19.10 2.33 -25.00
CA TYR A 200 -19.49 3.21 -23.90
C TYR A 200 -19.88 4.61 -24.34
N THR A 201 -20.90 5.13 -23.67
CA THR A 201 -21.25 6.54 -23.71
C THR A 201 -20.28 7.32 -22.85
N LEU A 202 -20.14 8.61 -23.15
CA LEU A 202 -19.28 9.50 -22.38
C LEU A 202 -20.12 10.47 -21.55
N PRO A 203 -20.05 10.36 -20.21
CA PRO A 203 -20.80 11.34 -19.42
C PRO A 203 -20.43 12.76 -19.83
N GLU A 204 -21.45 13.60 -19.98
CA GLU A 204 -21.23 14.97 -20.42
C GLU A 204 -20.54 15.79 -19.35
N LYS A 205 -20.92 15.56 -18.10
CA LYS A 205 -20.35 16.29 -16.97
C LYS A 205 -20.09 15.32 -15.82
N TRP A 206 -19.19 15.70 -14.92
CA TRP A 206 -18.81 14.85 -13.79
C TRP A 206 -18.44 15.72 -12.61
N SER A 207 -18.31 15.12 -11.44
CA SER A 207 -17.82 15.83 -10.27
C SER A 207 -17.06 14.93 -9.32
N ASP A 208 -16.17 15.53 -8.54
CA ASP A 208 -15.57 14.84 -7.40
C ASP A 208 -15.74 15.65 -6.11
N GLU A 209 -16.62 16.66 -6.14
CA GLU A 209 -16.76 17.55 -4.97
C GLU A 209 -17.25 16.79 -3.74
N SER A 210 -16.60 17.05 -2.61
CA SER A 210 -16.90 16.35 -1.36
C SER A 210 -17.99 17.07 -0.55
N ILE A 211 -19.20 17.10 -1.09
CA ILE A 211 -20.35 17.64 -0.39
C ILE A 211 -21.53 16.69 -0.58
N ASN A 212 -22.61 16.94 0.16
CA ASN A 212 -23.83 16.14 0.05
C ASN A 212 -23.57 14.65 0.20
N TRP A 213 -22.80 14.29 1.22
CA TRP A 213 -22.49 12.89 1.48
C TRP A 213 -23.62 12.21 2.25
N ASN A 214 -23.74 12.52 3.54
CA ASN A 214 -24.72 11.85 4.41
C ASN A 214 -25.72 12.83 5.02
N GLU A 215 -25.72 14.07 4.53
CA GLU A 215 -26.70 15.04 4.97
C GLU A 215 -28.06 14.73 4.39
N ASN A 216 -29.10 15.17 5.06
CA ASN A 216 -30.45 14.98 4.55
C ASN A 216 -30.88 16.10 3.61
N LYS A 217 -30.31 17.28 3.79
CA LYS A 217 -30.60 18.39 2.88
C LYS A 217 -29.49 18.65 1.88
N ILE A 218 -29.85 19.21 0.73
CA ILE A 218 -28.89 19.60 -0.29
C ILE A 218 -28.50 21.05 -0.10
N LEU A 219 -27.27 21.28 0.33
CA LEU A 219 -26.75 22.63 0.45
C LEU A 219 -26.87 23.32 -0.90
N ARG A 220 -26.62 22.55 -1.96
CA ARG A 220 -26.63 23.05 -3.33
C ARG A 220 -26.12 21.89 -4.20
N PRO A 221 -26.35 21.97 -5.52
CA PRO A 221 -25.82 20.92 -6.39
C PRO A 221 -24.29 20.90 -6.39
N LYS A 222 -23.70 19.74 -6.63
CA LYS A 222 -22.25 19.67 -6.79
C LYS A 222 -21.82 20.48 -8.01
N LYS A 223 -20.62 21.06 -7.94
CA LYS A 223 -20.01 21.70 -9.10
C LYS A 223 -19.81 20.64 -10.19
N LEU A 224 -20.14 21.00 -11.42
CA LEU A 224 -20.02 20.08 -12.54
C LEU A 224 -18.92 20.52 -13.50
N TYR A 225 -18.10 19.56 -13.91
CA TYR A 225 -16.99 19.80 -14.81
C TYR A 225 -17.26 19.14 -16.15
N LYS A 226 -16.87 19.80 -17.23
CA LYS A 226 -16.94 19.18 -18.53
C LYS A 226 -15.99 17.98 -18.55
N ASN A 227 -16.34 16.96 -19.32
CA ASN A 227 -15.52 15.77 -19.37
C ASN A 227 -14.20 16.03 -20.08
N ASN A 228 -13.11 15.84 -19.35
CA ASN A 228 -11.76 16.09 -19.87
C ASN A 228 -10.96 14.83 -20.14
N CYS A 229 -11.65 13.70 -20.32
CA CYS A 229 -11.02 12.43 -20.68
CA CYS A 229 -10.94 12.47 -20.61
C CYS A 229 -10.14 12.65 -21.91
N ALA A 230 -8.98 12.02 -21.97
CA ALA A 230 -8.07 12.17 -23.12
C ALA A 230 -7.58 10.80 -23.60
N PHE A 231 -7.43 10.67 -24.91
CA PHE A 231 -6.90 9.46 -25.52
C PHE A 231 -5.48 9.74 -26.02
N TYR A 232 -4.48 9.17 -25.35
CA TYR A 232 -3.10 9.37 -25.73
C TYR A 232 -2.60 8.16 -26.49
N GLY A 233 -2.57 8.26 -27.81
CA GLY A 233 -2.12 7.14 -28.62
C GLY A 233 -2.82 7.18 -29.97
N SER A 234 -2.58 6.18 -30.78
CA SER A 234 -3.25 6.06 -32.07
C SER A 234 -3.60 4.61 -32.36
N GLY A 235 -4.40 4.40 -33.40
CA GLY A 235 -4.85 3.07 -33.75
C GLY A 235 -5.84 2.51 -32.76
N LYS A 236 -6.02 1.20 -32.82
CA LYS A 236 -6.96 0.48 -31.95
C LYS A 236 -6.19 -0.58 -31.19
N VAL A 237 -6.47 -0.70 -29.89
CA VAL A 237 -5.87 -1.74 -29.05
C VAL A 237 -6.97 -2.58 -28.45
N GLU A 238 -6.85 -3.89 -28.59
CA GLU A 238 -7.82 -4.81 -28.02
C GLU A 238 -7.11 -5.83 -27.14
N GLY A 239 -7.61 -6.01 -25.92
CA GLY A 239 -7.02 -6.97 -25.00
C GLY A 239 -7.87 -7.13 -23.77
N ARG A 240 -7.61 -8.18 -23.02
CA ARG A 240 -8.30 -8.48 -21.76
C ARG A 240 -8.04 -7.39 -20.74
N VAL A 241 -9.10 -6.85 -20.14
CA VAL A 241 -8.93 -5.82 -19.12
C VAL A 241 -8.78 -6.46 -17.74
N ILE A 242 -7.81 -5.94 -16.98
CA ILE A 242 -7.54 -6.44 -15.65
CA ILE A 242 -7.47 -6.45 -15.64
C ILE A 242 -7.12 -5.27 -14.77
N GLY A 243 -7.52 -5.32 -13.49
CA GLY A 243 -7.11 -4.30 -12.55
C GLY A 243 -8.19 -3.90 -11.57
N GLY A 244 -8.30 -2.59 -11.34
CA GLY A 244 -9.20 -2.05 -10.34
C GLY A 244 -8.55 -0.92 -9.57
N ASN A 245 -8.86 -0.83 -8.28
CA ASN A 245 -8.27 0.20 -7.44
C ASN A 245 -6.82 -0.16 -7.15
N LEU A 246 -5.87 0.67 -7.59
CA LEU A 246 -4.47 0.26 -7.57
C LEU A 246 -3.92 0.15 -6.13
N ASN A 247 -4.23 1.13 -5.29
CA ASN A 247 -3.80 1.03 -3.91
C ASN A 247 -4.29 -0.28 -3.26
N THR A 248 -5.52 -0.66 -3.56
CA THR A 248 -6.07 -1.89 -2.99
C THR A 248 -5.34 -3.14 -3.49
N LEU A 249 -4.92 -3.14 -4.75
CA LEU A 249 -4.20 -4.28 -5.27
C LEU A 249 -2.93 -4.61 -4.47
N THR A 250 -2.33 -3.61 -3.82
CA THR A 250 -1.16 -3.90 -3.00
C THR A 250 -1.45 -4.90 -1.87
N GLY A 251 -2.72 -5.02 -1.46
CA GLY A 251 -3.08 -5.92 -0.37
C GLY A 251 -3.19 -7.37 -0.78
N ILE A 252 -3.18 -7.64 -2.09
CA ILE A 252 -3.26 -9.02 -2.59
C ILE A 252 -2.08 -9.38 -3.47
N TRP A 253 -1.24 -8.38 -3.76
CA TRP A 253 -0.13 -8.54 -4.68
C TRP A 253 0.80 -9.67 -4.24
N GLY A 254 1.26 -10.45 -5.20
CA GLY A 254 2.18 -11.54 -4.93
C GLY A 254 1.51 -12.84 -4.53
N SER A 255 0.23 -12.78 -4.17
CA SER A 255 -0.50 -13.95 -3.69
C SER A 255 -1.25 -14.67 -4.80
N GLU A 256 -1.77 -15.84 -4.47
CA GLU A 256 -2.56 -16.61 -5.43
C GLU A 256 -3.87 -15.92 -5.77
N TRP A 257 -4.24 -14.88 -5.03
CA TRP A 257 -5.46 -14.13 -5.30
C TRP A 257 -5.26 -12.94 -6.23
N MET A 258 -4.02 -12.62 -6.57
CA MET A 258 -3.78 -11.59 -7.58
C MET A 258 -3.79 -12.24 -8.96
N PRO A 259 -4.75 -11.89 -9.83
CA PRO A 259 -4.71 -12.46 -11.19
C PRO A 259 -3.40 -12.14 -11.89
N GLU A 260 -2.81 -13.13 -12.56
CA GLU A 260 -1.62 -12.89 -13.34
C GLU A 260 -1.92 -11.92 -14.48
N ILE A 261 -1.12 -10.88 -14.60
CA ILE A 261 -1.16 -9.98 -15.75
C ILE A 261 -0.36 -10.61 -16.88
N ARG A 262 -0.96 -10.66 -18.05
CA ARG A 262 -0.38 -11.36 -19.19
C ARG A 262 -0.13 -10.43 -20.36
N ASN A 263 0.83 -10.81 -21.21
CA ASN A 263 1.09 -10.12 -22.46
C ASN A 263 -0.22 -9.81 -23.18
N GLY A 264 -0.41 -8.53 -23.50
CA GLY A 264 -1.56 -8.09 -24.26
C GLY A 264 -2.71 -7.53 -23.44
N ASP A 265 -2.64 -7.69 -22.12
CA ASP A 265 -3.71 -7.15 -21.25
C ASP A 265 -3.80 -5.63 -21.35
N ILE A 266 -5.00 -5.12 -21.17
CA ILE A 266 -5.21 -3.70 -20.91
C ILE A 266 -5.30 -3.51 -19.39
N LEU A 267 -4.42 -2.70 -18.84
CA LEU A 267 -4.43 -2.47 -17.40
C LEU A 267 -5.40 -1.33 -17.06
N PHE A 268 -6.39 -1.62 -16.22
CA PHE A 268 -7.31 -0.61 -15.71
C PHE A 268 -6.96 -0.32 -14.26
N ILE A 269 -6.66 0.95 -13.97
CA ILE A 269 -6.33 1.35 -12.61
C ILE A 269 -6.97 2.69 -12.27
N GLU A 270 -7.45 2.81 -11.04
CA GLU A 270 -7.94 4.08 -10.53
C GLU A 270 -7.56 4.18 -9.06
N ASP A 271 -7.41 5.41 -8.58
CA ASP A 271 -7.20 5.67 -7.16
C ASP A 271 -8.01 6.90 -6.74
N SER A 272 -8.10 7.11 -5.44
CA SER A 272 -8.90 8.19 -4.86
C SER A 272 -8.18 8.90 -3.74
N ARG A 273 -8.24 10.24 -3.78
CA ARG A 273 -7.77 11.11 -2.70
C ARG A 273 -6.33 10.86 -2.30
N LYS A 274 -5.48 10.51 -3.27
CA LYS A 274 -4.08 10.27 -2.96
C LYS A 274 -3.21 11.48 -3.25
N SER A 275 -2.09 11.54 -2.55
CA SER A 275 -1.03 12.48 -2.89
CA SER A 275 -1.02 12.47 -2.89
C SER A 275 -0.27 12.00 -4.13
N ILE A 276 0.31 12.95 -4.84
CA ILE A 276 1.18 12.66 -5.95
C ILE A 276 2.34 11.75 -5.50
N ALA A 277 2.79 11.89 -4.26
CA ALA A 277 3.85 11.01 -3.75
C ALA A 277 3.40 9.54 -3.77
N THR A 278 2.19 9.29 -3.32
CA THR A 278 1.66 7.92 -3.31
C THR A 278 1.45 7.39 -4.73
N VAL A 279 0.95 8.24 -5.60
CA VAL A 279 0.75 7.86 -6.99
C VAL A 279 2.07 7.47 -7.67
N GLU A 280 3.15 8.23 -7.44
CA GLU A 280 4.44 7.82 -7.97
C GLU A 280 4.87 6.46 -7.42
N ARG A 281 4.69 6.24 -6.12
CA ARG A 281 5.07 4.97 -5.52
C ARG A 281 4.34 3.79 -6.16
N LEU A 282 3.04 3.94 -6.37
CA LEU A 282 2.23 2.87 -6.94
C LEU A 282 2.56 2.61 -8.41
N PHE A 283 2.80 3.66 -9.18
CA PHE A 283 3.20 3.48 -10.56
C PHE A 283 4.58 2.80 -10.65
N SER A 284 5.51 3.21 -9.79
CA SER A 284 6.81 2.56 -9.76
C SER A 284 6.72 1.09 -9.35
N MET A 285 5.81 0.75 -8.43
CA MET A 285 5.59 -0.63 -8.05
C MET A 285 5.26 -1.45 -9.30
N LEU A 286 4.34 -0.94 -10.12
CA LEU A 286 3.98 -1.63 -11.35
C LEU A 286 5.20 -1.78 -12.27
N LYS A 287 5.98 -0.72 -12.38
CA LYS A 287 7.18 -0.77 -13.22
C LYS A 287 8.15 -1.85 -12.75
N LEU A 288 8.41 -1.90 -11.44
CA LEU A 288 9.35 -2.87 -10.89
C LEU A 288 8.88 -4.29 -11.16
N ASN A 289 7.56 -4.48 -11.17
CA ASN A 289 6.96 -5.77 -11.45
C ASN A 289 6.84 -6.13 -12.93
N ARG A 290 7.45 -5.33 -13.80
CA ARG A 290 7.50 -5.60 -15.24
C ARG A 290 6.13 -5.52 -15.90
N VAL A 291 5.18 -4.88 -15.25
CA VAL A 291 3.83 -4.79 -15.79
C VAL A 291 3.82 -4.01 -17.11
N PHE A 292 4.66 -2.99 -17.20
CA PHE A 292 4.63 -2.13 -18.37
C PHE A 292 5.33 -2.76 -19.57
N ASP A 293 5.95 -3.92 -19.39
CA ASP A 293 6.48 -4.71 -20.49
C ASP A 293 5.40 -5.62 -21.10
N LYS A 294 4.27 -5.77 -20.43
CA LYS A 294 3.24 -6.73 -20.83
C LYS A 294 1.98 -6.08 -21.41
N VAL A 295 1.64 -4.90 -20.90
CA VAL A 295 0.32 -4.36 -21.23
C VAL A 295 0.28 -3.65 -22.58
N SER A 296 -0.86 -3.76 -23.26
CA SER A 296 -1.03 -3.14 -24.57
C SER A 296 -1.55 -1.71 -24.47
N ALA A 297 -2.19 -1.38 -23.34
CA ALA A 297 -2.70 -0.04 -23.08
C ALA A 297 -2.98 0.08 -21.59
N ILE A 298 -3.15 1.31 -21.13
CA ILE A 298 -3.52 1.59 -19.75
C ILE A 298 -4.75 2.48 -19.74
N ILE A 299 -5.72 2.14 -18.91
CA ILE A 299 -6.85 3.02 -18.62
C ILE A 299 -6.68 3.59 -17.23
N LEU A 300 -6.59 4.92 -17.12
CA LEU A 300 -6.60 5.60 -15.83
C LEU A 300 -8.00 6.12 -15.53
N GLY A 301 -8.61 5.63 -14.46
CA GLY A 301 -9.88 6.20 -14.03
C GLY A 301 -9.64 7.61 -13.52
N LYS A 302 -10.64 8.48 -13.63
CA LYS A 302 -10.51 9.81 -13.02
C LYS A 302 -10.18 9.67 -11.53
N HIS A 303 -9.20 10.45 -11.07
CA HIS A 303 -8.73 10.38 -9.68
C HIS A 303 -9.46 11.41 -8.81
N GLU A 304 -10.31 10.94 -7.91
CA GLU A 304 -11.07 11.83 -7.03
C GLU A 304 -10.17 12.70 -6.16
N LEU A 305 -10.28 14.02 -6.29
CA LEU A 305 -9.56 14.96 -5.42
C LEU A 305 -8.06 14.62 -5.27
N PHE A 306 -7.41 14.41 -6.39
CA PHE A 306 -5.95 14.19 -6.42
C PHE A 306 -5.22 15.38 -5.79
N ASP A 307 -4.22 15.10 -4.97
CA ASP A 307 -3.43 16.15 -4.33
C ASP A 307 -2.06 16.22 -4.99
N CYS A 308 -1.84 17.24 -5.81
CA CYS A 308 -0.62 17.34 -6.58
C CYS A 308 0.52 18.08 -5.85
N ALA A 309 0.29 18.40 -4.57
CA ALA A 309 1.32 18.99 -3.73
C ALA A 309 1.87 20.30 -4.31
N GLY A 310 1.02 21.05 -5.01
CA GLY A 310 1.42 22.32 -5.59
C GLY A 310 2.19 22.25 -6.89
N SER A 311 2.48 21.04 -7.36
CA SER A 311 3.25 20.84 -8.58
C SER A 311 2.45 21.12 -9.86
N LYS A 312 1.13 21.11 -9.74
CA LYS A 312 0.23 21.22 -10.88
C LYS A 312 0.30 20.03 -11.84
N ARG A 313 1.01 18.97 -11.44
CA ARG A 313 1.12 17.79 -12.27
C ARG A 313 -0.09 16.88 -12.11
N ARG A 314 -0.51 16.23 -13.18
CA ARG A 314 -1.57 15.23 -13.10
C ARG A 314 -0.97 13.81 -13.12
N PRO A 315 -1.76 12.81 -12.72
CA PRO A 315 -1.22 11.45 -12.69
C PRO A 315 -0.58 10.99 -14.01
N TYR A 316 -1.14 11.38 -15.15
CA TYR A 316 -0.57 10.97 -16.42
C TYR A 316 0.89 11.44 -16.58
N GLU A 317 1.21 12.63 -16.10
CA GLU A 317 2.57 13.13 -16.20
C GLU A 317 3.52 12.28 -15.35
N VAL A 318 3.06 11.88 -14.17
CA VAL A 318 3.87 11.03 -13.30
C VAL A 318 4.09 9.65 -13.96
N LEU A 319 3.02 9.11 -14.52
CA LEU A 319 3.14 7.85 -15.25
C LEU A 319 4.17 7.95 -16.38
N THR A 320 4.14 9.05 -17.11
CA THR A 320 5.07 9.25 -18.20
C THR A 320 6.52 9.23 -17.71
N GLU A 321 6.80 9.88 -16.59
CA GLU A 321 8.16 9.83 -16.04
C GLU A 321 8.55 8.39 -15.70
N VAL A 322 7.66 7.68 -15.00
CA VAL A 322 7.93 6.32 -14.56
C VAL A 322 8.16 5.39 -15.76
N LEU A 323 7.38 5.57 -16.82
CA LEU A 323 7.53 4.73 -18.01
C LEU A 323 8.88 4.85 -18.70
N ASP A 324 9.57 5.97 -18.49
CA ASP A 324 10.96 6.12 -18.98
C ASP A 324 11.07 5.78 -20.46
N GLY A 325 10.14 6.31 -21.25
CA GLY A 325 10.21 6.20 -22.70
C GLY A 325 9.33 5.13 -23.32
N LYS A 326 8.81 4.21 -22.52
CA LYS A 326 7.97 3.16 -23.06
C LYS A 326 6.67 3.74 -23.62
N GLN A 327 6.40 3.47 -24.89
CA GLN A 327 5.25 4.05 -25.59
C GLN A 327 3.97 3.25 -25.43
N ILE A 328 3.31 3.41 -24.29
CA ILE A 328 2.06 2.72 -24.04
CA ILE A 328 2.05 2.73 -24.03
C ILE A 328 0.90 3.69 -24.20
N PRO A 329 -0.06 3.36 -25.07
CA PRO A 329 -1.21 4.26 -25.22
C PRO A 329 -2.05 4.26 -23.93
N VAL A 330 -2.59 5.43 -23.60
CA VAL A 330 -3.30 5.60 -22.34
C VAL A 330 -4.61 6.32 -22.55
N LEU A 331 -5.69 5.75 -22.04
CA LEU A 331 -6.95 6.45 -21.92
CA LEU A 331 -6.95 6.45 -21.92
C LEU A 331 -6.96 7.07 -20.54
N ASP A 332 -6.80 8.38 -20.48
CA ASP A 332 -6.72 9.10 -19.22
C ASP A 332 -8.03 9.76 -18.86
N GLY A 333 -8.65 9.28 -17.79
CA GLY A 333 -9.85 9.89 -17.27
C GLY A 333 -11.14 9.14 -17.59
N PHE A 334 -11.08 7.81 -17.65
CA PHE A 334 -12.28 7.02 -17.84
C PHE A 334 -13.18 7.16 -16.61
N ASP A 335 -14.48 7.28 -16.83
CA ASP A 335 -15.44 7.48 -15.76
C ASP A 335 -15.85 6.18 -15.09
N CYS A 336 -14.88 5.49 -14.53
CA CYS A 336 -15.13 4.25 -13.79
C CYS A 336 -14.17 4.29 -12.60
N SER A 337 -14.58 5.01 -11.56
CA SER A 337 -13.70 5.35 -10.47
C SER A 337 -14.53 5.90 -9.32
N HIS A 338 -13.92 6.69 -8.44
CA HIS A 338 -14.63 7.28 -7.31
C HIS A 338 -15.39 8.57 -7.69
N THR A 339 -15.18 9.08 -8.90
CA THR A 339 -15.91 10.28 -9.33
C THR A 339 -17.33 9.93 -9.75
N HIS A 340 -18.21 10.92 -9.80
CA HIS A 340 -19.60 10.73 -10.23
C HIS A 340 -19.82 11.43 -11.57
N PRO A 341 -20.54 10.80 -12.49
CA PRO A 341 -21.16 9.46 -12.39
C PRO A 341 -20.14 8.36 -12.66
N MET A 342 -20.56 7.14 -12.41
CA MET A 342 -19.68 5.98 -12.57
C MET A 342 -20.29 5.00 -13.56
N LEU A 343 -19.47 4.58 -14.52
CA LEU A 343 -19.85 3.53 -15.47
C LEU A 343 -19.56 2.15 -14.87
N THR A 344 -20.21 1.13 -15.40
CA THR A 344 -20.01 -0.27 -14.99
C THR A 344 -19.12 -0.98 -16.00
N LEU A 345 -18.07 -1.66 -15.53
CA LEU A 345 -17.05 -2.29 -16.37
C LEU A 345 -16.84 -3.77 -15.99
N PRO A 346 -17.06 -4.71 -16.93
CA PRO A 346 -16.69 -6.10 -16.62
C PRO A 346 -15.18 -6.24 -16.60
N LEU A 347 -14.65 -7.03 -15.67
CA LEU A 347 -13.22 -7.27 -15.55
C LEU A 347 -12.90 -8.68 -16.02
N GLY A 348 -11.85 -8.80 -16.83
CA GLY A 348 -11.40 -10.11 -17.28
C GLY A 348 -11.86 -10.51 -18.67
N VAL A 349 -12.49 -9.57 -19.38
CA VAL A 349 -12.86 -9.79 -20.78
C VAL A 349 -12.21 -8.75 -21.67
N LYS A 350 -12.20 -9.02 -22.97
CA LYS A 350 -11.62 -8.10 -23.93
C LYS A 350 -12.39 -6.79 -24.09
N LEU A 351 -11.62 -5.71 -24.11
CA LEU A 351 -12.09 -4.40 -24.53
C LEU A 351 -11.30 -3.98 -25.76
N ALA A 352 -11.88 -3.05 -26.53
CA ALA A 352 -11.16 -2.40 -27.63
C ALA A 352 -11.18 -0.90 -27.39
N ILE A 353 -9.99 -0.31 -27.30
CA ILE A 353 -9.89 1.13 -27.21
C ILE A 353 -9.49 1.64 -28.58
N ASP A 354 -10.35 2.46 -29.19
CA ASP A 354 -10.02 3.08 -30.46
C ASP A 354 -9.52 4.49 -30.18
N PHE A 355 -8.20 4.64 -30.20
CA PHE A 355 -7.58 5.91 -29.89
C PHE A 355 -7.84 6.96 -30.97
N ASP A 356 -7.98 6.52 -32.22
CA ASP A 356 -8.24 7.45 -33.31
C ASP A 356 -9.66 8.01 -33.24
N ASN A 357 -10.63 7.16 -32.92
CA ASN A 357 -12.02 7.60 -32.83
C ASN A 357 -12.47 7.96 -31.42
N LYS A 358 -11.53 7.86 -30.47
CA LYS A 358 -11.77 8.27 -29.09
C LYS A 358 -12.97 7.55 -28.49
N ASN A 359 -12.94 6.22 -28.54
CA ASN A 359 -13.98 5.45 -27.88
C ASN A 359 -13.45 4.15 -27.28
N ILE A 360 -14.28 3.53 -26.46
CA ILE A 360 -13.90 2.30 -25.79
C ILE A 360 -15.11 1.37 -25.76
N SER A 361 -14.85 0.10 -26.07
CA SER A 361 -15.92 -0.88 -26.24
C SER A 361 -15.58 -2.20 -25.55
N ILE A 362 -16.62 -2.90 -25.14
CA ILE A 362 -16.51 -4.28 -24.69
C ILE A 362 -16.71 -5.19 -25.90
N THR A 363 -15.77 -6.10 -26.16
CA THR A 363 -15.85 -6.90 -27.38
C THR A 363 -16.07 -8.40 -27.13
N GLU A 364 -16.03 -8.81 -25.86
CA GLU A 364 -16.18 -10.23 -25.51
C GLU A 364 -17.39 -10.41 -24.60
N GLN A 365 -18.15 -11.48 -24.82
CA GLN A 365 -19.29 -11.84 -24.00
C GLN A 365 -18.95 -11.89 -22.52
N TYR A 366 -19.78 -11.27 -21.69
CA TYR A 366 -19.46 -11.13 -20.26
C TYR A 366 -20.61 -11.54 -19.33
N LEU A 367 -21.75 -11.88 -19.90
CA LEU A 367 -22.85 -12.51 -19.16
C LEU A 367 -23.37 -13.65 -20.02
N SER A 368 -23.99 -14.62 -19.38
CA SER A 368 -24.44 -15.85 -20.04
C SER A 368 -25.59 -15.56 -21.00
N PRO B 34 27.09 -13.79 2.99
CA PRO B 34 26.65 -12.46 2.55
C PRO B 34 27.82 -11.53 2.26
N LEU B 35 27.56 -10.49 1.46
CA LEU B 35 28.55 -9.47 1.19
C LEU B 35 28.55 -8.48 2.34
N LEU B 36 29.74 -8.19 2.88
CA LEU B 36 29.88 -7.36 4.07
C LEU B 36 30.66 -6.08 3.81
N ALA B 37 30.18 -4.97 4.36
CA ALA B 37 30.90 -3.70 4.29
C ALA B 37 31.98 -3.63 5.36
N ALA B 38 32.97 -2.76 5.15
CA ALA B 38 33.95 -2.45 6.18
C ALA B 38 33.27 -1.77 7.37
N PRO B 39 33.78 -2.01 8.58
CA PRO B 39 33.15 -1.41 9.77
C PRO B 39 33.38 0.09 9.86
N LEU B 40 32.52 0.76 10.62
CA LEU B 40 32.68 2.18 10.89
C LEU B 40 33.75 2.40 11.96
N ALA B 41 34.36 3.58 11.95
CA ALA B 41 35.29 4.01 12.98
C ALA B 41 35.13 5.49 13.23
N VAL B 42 35.41 5.91 14.46
CA VAL B 42 35.44 7.33 14.79
C VAL B 42 36.33 8.05 13.80
N GLY B 43 35.83 9.16 13.27
CA GLY B 43 36.58 9.97 12.32
C GLY B 43 36.28 9.66 10.86
N ASP B 44 35.48 8.63 10.62
CA ASP B 44 35.11 8.27 9.26
C ASP B 44 34.24 9.33 8.57
N THR B 45 34.10 9.16 7.27
CA THR B 45 33.26 10.01 6.44
C THR B 45 31.92 9.35 6.15
N ILE B 46 30.85 10.08 6.44
CA ILE B 46 29.48 9.65 6.18
C ILE B 46 28.92 10.53 5.08
N GLY B 47 28.40 9.93 4.01
CA GLY B 47 27.71 10.69 2.99
C GLY B 47 26.22 10.55 3.16
N PHE B 48 25.45 11.60 2.87
CA PHE B 48 24.00 11.52 3.03
C PHE B 48 23.25 11.87 1.75
N PHE B 49 22.09 11.23 1.58
CA PHE B 49 21.30 11.36 0.36
C PHE B 49 19.82 11.50 0.70
N SER B 50 19.07 12.13 -0.20
CA SER B 50 17.63 12.34 -0.04
C SER B 50 16.88 11.62 -1.16
N SER B 51 16.50 10.37 -0.90
CA SER B 51 15.87 9.55 -1.94
C SER B 51 14.38 9.79 -2.08
N SER B 52 13.81 10.64 -1.22
CA SER B 52 12.37 10.94 -1.32
C SER B 52 12.07 12.38 -0.87
N ALA B 53 11.58 12.57 0.36
CA ALA B 53 11.17 13.91 0.79
C ALA B 53 12.35 14.86 0.93
N PRO B 54 12.17 16.14 0.54
CA PRO B 54 13.29 17.10 0.55
C PRO B 54 13.48 17.77 1.90
N ALA B 55 13.69 16.98 2.95
CA ALA B 55 13.70 17.53 4.30
C ALA B 55 14.94 18.37 4.65
N THR B 56 16.00 18.31 3.85
CA THR B 56 17.10 19.25 4.08
C THR B 56 16.63 20.69 3.88
N VAL B 57 15.54 20.86 3.14
CA VAL B 57 14.88 22.16 2.98
C VAL B 57 13.70 22.32 3.94
N THR B 58 12.81 21.34 3.97
CA THR B 58 11.57 21.50 4.72
C THR B 58 11.71 21.30 6.23
N ALA B 59 12.80 20.68 6.67
CA ALA B 59 13.12 20.51 8.10
C ALA B 59 14.57 20.94 8.32
N LYS B 60 14.90 22.13 7.82
CA LYS B 60 16.28 22.58 7.77
C LYS B 60 16.90 22.80 9.16
N ASN B 61 16.11 23.24 10.12
CA ASN B 61 16.66 23.42 11.47
C ASN B 61 17.06 22.07 12.07
N ARG B 62 16.18 21.09 11.94
CA ARG B 62 16.47 19.76 12.47
C ARG B 62 17.65 19.14 11.72
N PHE B 63 17.70 19.34 10.41
CA PHE B 63 18.83 18.90 9.58
C PHE B 63 20.15 19.47 10.11
N PHE B 64 20.19 20.78 10.35
CA PHE B 64 21.41 21.41 10.86
C PHE B 64 21.79 20.86 12.24
N ARG B 65 20.79 20.62 13.10
CA ARG B 65 21.08 20.03 14.40
C ARG B 65 21.69 18.62 14.26
N GLY B 66 21.16 17.81 13.34
CA GLY B 66 21.70 16.47 13.12
C GLY B 66 23.12 16.49 12.56
N VAL B 67 23.36 17.38 11.61
CA VAL B 67 24.71 17.57 11.06
C VAL B 67 25.70 17.92 12.18
N GLU B 68 25.34 18.90 12.99
CA GLU B 68 26.21 19.32 14.08
C GLU B 68 26.44 18.19 15.07
N PHE B 69 25.39 17.41 15.35
CA PHE B 69 25.51 16.29 16.28
C PHE B 69 26.58 15.31 15.82
N LEU B 70 26.53 14.88 14.56
CA LEU B 70 27.51 13.93 14.08
C LEU B 70 28.90 14.53 13.92
N GLN B 71 28.97 15.79 13.51
CA GLN B 71 30.28 16.45 13.42
C GLN B 71 30.96 16.53 14.78
N ARG B 72 30.19 16.81 15.83
CA ARG B 72 30.79 16.89 17.16
C ARG B 72 31.28 15.54 17.65
N LYS B 73 30.72 14.45 17.09
CA LYS B 73 31.21 13.11 17.38
C LYS B 73 32.48 12.78 16.62
N GLY B 74 32.87 13.66 15.69
CA GLY B 74 34.11 13.48 14.96
C GLY B 74 33.98 13.01 13.52
N PHE B 75 32.75 12.84 13.05
CA PHE B 75 32.53 12.39 11.68
C PHE B 75 32.69 13.53 10.70
N LYS B 76 33.22 13.20 9.52
CA LYS B 76 33.23 14.11 8.40
C LYS B 76 32.01 13.79 7.55
N LEU B 77 31.33 14.82 7.07
CA LEU B 77 30.11 14.61 6.28
C LEU B 77 30.26 15.06 4.84
N VAL B 78 29.74 14.24 3.93
CA VAL B 78 29.63 14.60 2.52
C VAL B 78 28.15 14.75 2.18
N SER B 79 27.79 15.93 1.70
CA SER B 79 26.40 16.22 1.35
CA SER B 79 26.40 16.22 1.36
C SER B 79 26.07 15.72 -0.05
N GLY B 80 25.02 14.91 -0.17
CA GLY B 80 24.58 14.47 -1.48
C GLY B 80 24.18 15.65 -2.35
N LYS B 81 24.24 15.46 -3.67
CA LYS B 81 24.03 16.57 -4.60
C LYS B 81 22.61 17.18 -4.61
N LEU B 82 21.64 16.51 -4.00
CA LEU B 82 20.27 17.08 -3.93
C LEU B 82 20.01 17.84 -2.62
N THR B 83 21.01 17.92 -1.76
CA THR B 83 20.86 18.69 -0.54
C THR B 83 20.49 20.13 -0.86
N GLY B 84 19.45 20.64 -0.20
CA GLY B 84 19.03 22.02 -0.42
C GLY B 84 18.13 22.23 -1.63
N LYS B 85 17.75 21.15 -2.31
CA LYS B 85 16.91 21.26 -3.50
C LYS B 85 15.50 20.77 -3.22
N THR B 86 14.52 21.25 -4.00
CA THR B 86 13.17 20.73 -3.90
C THR B 86 12.53 20.58 -5.28
N ASP B 87 11.75 19.52 -5.43
CA ASP B 87 10.84 19.34 -6.54
C ASP B 87 9.46 19.04 -5.95
N PHE B 88 8.90 20.03 -5.27
CA PHE B 88 7.62 19.92 -4.58
C PHE B 88 7.66 18.86 -3.48
N TYR B 89 7.18 17.65 -3.76
CA TYR B 89 7.04 16.60 -2.76
C TYR B 89 8.28 15.71 -2.63
N ARG B 90 9.28 15.95 -3.47
CA ARG B 90 10.46 15.09 -3.52
C ARG B 90 11.70 15.96 -3.74
N SER B 91 12.88 15.37 -3.64
CA SER B 91 14.13 16.11 -3.78
C SER B 91 14.55 16.33 -5.22
N GLY B 92 14.01 15.56 -6.15
CA GLY B 92 14.37 15.67 -7.55
C GLY B 92 13.71 14.58 -8.35
N THR B 93 14.00 14.51 -9.65
CA THR B 93 13.41 13.47 -10.48
C THR B 93 13.90 12.10 -10.05
N ILE B 94 13.23 11.06 -10.51
CA ILE B 94 13.68 9.69 -10.26
C ILE B 94 15.17 9.51 -10.60
N LYS B 95 15.55 9.92 -11.79
CA LYS B 95 16.94 9.78 -12.21
C LYS B 95 17.93 10.63 -11.42
N GLU B 96 17.52 11.85 -11.07
CA GLU B 96 18.38 12.70 -10.24
C GLU B 96 18.65 12.03 -8.90
N ARG B 97 17.63 11.43 -8.30
CA ARG B 97 17.78 10.80 -7.00
C ARG B 97 18.66 9.55 -7.09
N ALA B 98 18.50 8.77 -8.15
CA ALA B 98 19.38 7.62 -8.34
C ALA B 98 20.83 8.06 -8.51
N GLN B 99 21.03 9.12 -9.27
CA GLN B 99 22.38 9.67 -9.47
C GLN B 99 22.99 10.12 -8.15
N GLU B 100 22.20 10.80 -7.32
CA GLU B 100 22.71 11.29 -6.05
C GLU B 100 23.28 10.13 -5.23
N PHE B 101 22.53 9.04 -5.18
CA PHE B 101 22.94 7.86 -4.42
C PHE B 101 24.18 7.22 -5.04
N ASN B 102 24.15 7.03 -6.36
CA ASN B 102 25.27 6.39 -7.04
C ASN B 102 26.58 7.15 -6.83
N GLU B 103 26.49 8.47 -6.82
CA GLU B 103 27.68 9.31 -6.65
C GLU B 103 28.35 9.10 -5.30
N LEU B 104 27.55 8.78 -4.28
CA LEU B 104 28.13 8.45 -2.99
C LEU B 104 28.82 7.09 -3.02
N VAL B 105 28.22 6.13 -3.72
CA VAL B 105 28.84 4.82 -3.87
C VAL B 105 30.21 4.94 -4.56
N TYR B 106 30.33 5.89 -5.49
CA TYR B 106 31.56 6.04 -6.27
C TYR B 106 32.68 6.72 -5.49
N ASN B 107 32.35 7.31 -4.35
CA ASN B 107 33.33 8.07 -3.58
C ASN B 107 34.12 7.17 -2.63
N PRO B 108 35.42 6.96 -2.91
CA PRO B 108 36.17 5.98 -2.11
C PRO B 108 36.41 6.42 -0.67
N ASP B 109 36.21 7.69 -0.37
CA ASP B 109 36.41 8.19 0.98
C ASP B 109 35.24 7.90 1.92
N ILE B 110 34.09 7.51 1.37
CA ILE B 110 32.88 7.33 2.17
C ILE B 110 32.78 5.91 2.73
N THR B 111 32.61 5.81 4.04
CA THR B 111 32.46 4.51 4.70
C THR B 111 30.97 4.14 4.91
N CYS B 112 30.14 5.17 5.08
CA CYS B 112 28.73 4.98 5.42
C CYS B 112 27.89 5.93 4.57
N ILE B 113 26.86 5.38 3.95
CA ILE B 113 25.88 6.14 3.17
C ILE B 113 24.58 6.14 3.96
N MET B 114 24.16 7.33 4.40
CA MET B 114 23.06 7.50 5.34
C MET B 114 21.92 8.31 4.73
N SER B 115 20.69 7.81 4.84
CA SER B 115 19.53 8.55 4.40
C SER B 115 19.35 9.82 5.22
N THR B 116 18.94 10.92 4.58
CA THR B 116 18.54 12.10 5.36
C THR B 116 17.17 11.89 6.03
N ILE B 117 16.23 11.31 5.28
CA ILE B 117 14.86 11.07 5.71
C ILE B 117 14.19 10.21 4.65
N GLY B 118 13.04 9.64 4.97
CA GLY B 118 12.26 8.85 4.03
C GLY B 118 11.28 9.67 3.23
N GLY B 119 10.04 9.20 3.19
CA GLY B 119 9.00 9.81 2.38
C GLY B 119 8.10 8.74 1.81
N ASP B 120 8.12 8.58 0.49
CA ASP B 120 7.22 7.67 -0.22
C ASP B 120 7.84 7.04 -1.46
N ASN B 121 8.97 7.58 -1.94
CA ASN B 121 9.32 7.43 -3.35
C ASN B 121 10.65 6.76 -3.68
N SER B 122 11.33 6.19 -2.69
CA SER B 122 12.61 5.54 -2.91
CA SER B 122 12.62 5.61 -3.00
C SER B 122 12.52 4.36 -3.88
N ASN B 123 11.38 3.68 -3.88
CA ASN B 123 11.25 2.51 -4.77
C ASN B 123 11.46 2.88 -6.25
N SER B 124 11.16 4.12 -6.62
CA SER B 124 11.35 4.55 -8.01
C SER B 124 12.79 4.40 -8.47
N LEU B 125 13.74 4.51 -7.55
CA LEU B 125 15.16 4.55 -7.90
C LEU B 125 15.72 3.21 -8.31
N LEU B 126 15.05 2.12 -7.93
CA LEU B 126 15.65 0.80 -8.01
C LEU B 126 16.17 0.34 -9.37
N PRO B 127 15.47 0.66 -10.47
CA PRO B 127 16.02 0.25 -11.77
C PRO B 127 17.31 0.98 -12.15
N PHE B 128 17.67 2.03 -11.42
CA PHE B 128 18.71 2.96 -11.85
C PHE B 128 19.94 2.97 -10.95
N LEU B 129 19.93 2.17 -9.88
CA LEU B 129 21.09 2.12 -8.99
C LEU B 129 22.20 1.30 -9.62
N ASP B 130 23.44 1.67 -9.31
CA ASP B 130 24.59 0.99 -9.89
C ASP B 130 24.98 -0.19 -9.01
N TYR B 131 24.29 -1.30 -9.20
CA TYR B 131 24.49 -2.48 -8.36
C TYR B 131 25.91 -3.02 -8.48
N ASP B 132 26.47 -2.99 -9.69
CA ASP B 132 27.84 -3.46 -9.86
C ASP B 132 28.82 -2.64 -9.03
N ALA B 133 28.60 -1.33 -8.97
CA ALA B 133 29.48 -0.46 -8.19
C ALA B 133 29.30 -0.71 -6.69
N ILE B 134 28.08 -1.02 -6.26
CA ILE B 134 27.81 -1.36 -4.87
C ILE B 134 28.55 -2.63 -4.49
N ILE B 135 28.56 -3.61 -5.38
CA ILE B 135 29.28 -4.84 -5.13
C ILE B 135 30.78 -4.60 -5.08
N ALA B 136 31.29 -3.76 -5.98
CA ALA B 136 32.72 -3.49 -6.06
C ALA B 136 33.22 -2.67 -4.87
N ASN B 137 32.33 -1.85 -4.33
CA ASN B 137 32.68 -0.90 -3.28
C ASN B 137 31.67 -0.95 -2.13
N PRO B 138 31.64 -2.07 -1.40
CA PRO B 138 30.60 -2.20 -0.37
C PRO B 138 30.77 -1.14 0.72
N LYS B 139 29.65 -0.56 1.14
CA LYS B 139 29.64 0.44 2.20
C LYS B 139 28.49 0.14 3.14
N ILE B 140 28.52 0.73 4.32
CA ILE B 140 27.40 0.67 5.23
C ILE B 140 26.28 1.56 4.71
N ILE B 141 25.13 0.96 4.38
CA ILE B 141 23.99 1.71 3.89
C ILE B 141 22.94 1.66 4.99
N ILE B 142 22.47 2.81 5.45
CA ILE B 142 21.61 2.89 6.63
C ILE B 142 20.50 3.92 6.49
N GLY B 143 19.33 3.54 6.98
CA GLY B 143 18.17 4.42 7.04
C GLY B 143 16.97 3.58 7.44
N TYR B 144 15.77 4.13 7.30
CA TYR B 144 14.57 3.39 7.69
C TYR B 144 13.35 3.91 6.94
N ALA B 145 12.18 3.42 7.30
CA ALA B 145 10.94 3.97 6.78
C ALA B 145 10.89 3.74 5.27
N ASP B 146 10.56 4.76 4.48
CA ASP B 146 10.53 4.58 3.03
C ASP B 146 11.82 4.03 2.44
N THR B 147 12.93 4.32 3.09
CA THR B 147 14.22 3.86 2.58
C THR B 147 14.38 2.34 2.61
N THR B 148 13.46 1.66 3.31
CA THR B 148 13.33 0.21 3.20
C THR B 148 13.41 -0.27 1.75
N ALA B 149 12.80 0.45 0.82
CA ALA B 149 12.81 -0.01 -0.57
C ALA B 149 14.25 -0.19 -1.08
N LEU B 150 15.13 0.74 -0.71
CA LEU B 150 16.54 0.67 -1.08
C LEU B 150 17.30 -0.40 -0.28
N LEU B 151 17.06 -0.47 1.03
CA LEU B 151 17.77 -1.43 1.86
C LEU B 151 17.46 -2.84 1.40
N ALA B 152 16.17 -3.12 1.20
CA ALA B 152 15.74 -4.46 0.77
C ALA B 152 16.15 -4.72 -0.68
N GLY B 153 15.96 -3.73 -1.55
CA GLY B 153 16.29 -3.90 -2.95
C GLY B 153 17.76 -4.14 -3.20
N ILE B 154 18.62 -3.42 -2.48
CA ILE B 154 20.06 -3.60 -2.59
C ILE B 154 20.45 -4.99 -2.10
N TYR B 155 19.87 -5.42 -0.99
CA TYR B 155 20.13 -6.78 -0.50
C TYR B 155 19.72 -7.83 -1.53
N ALA B 156 18.53 -7.67 -2.09
CA ALA B 156 18.02 -8.62 -3.09
C ALA B 156 18.95 -8.73 -4.29
N LYS B 157 19.49 -7.61 -4.75
CA LYS B 157 20.33 -7.59 -5.94
C LYS B 157 21.79 -7.97 -5.70
N THR B 158 22.30 -7.74 -4.50
CA THR B 158 23.75 -7.83 -4.27
C THR B 158 24.15 -8.72 -3.11
N GLY B 159 23.21 -9.05 -2.22
CA GLY B 159 23.54 -9.78 -1.02
C GLY B 159 24.23 -8.96 0.06
N LEU B 160 24.39 -7.66 -0.17
CA LEU B 160 24.99 -6.77 0.83
C LEU B 160 24.13 -6.65 2.08
N ILE B 161 24.76 -6.81 3.24
CA ILE B 161 24.06 -6.60 4.51
C ILE B 161 23.96 -5.10 4.75
N THR B 162 22.73 -4.59 4.66
CA THR B 162 22.40 -3.19 4.92
C THR B 162 21.72 -3.07 6.29
N PHE B 163 21.46 -1.84 6.73
CA PHE B 163 21.07 -1.59 8.11
C PHE B 163 19.78 -0.79 8.25
N TYR B 164 18.86 -1.32 9.06
CA TYR B 164 17.67 -0.59 9.47
C TYR B 164 18.09 0.24 10.68
N GLY B 165 18.14 1.55 10.54
CA GLY B 165 18.67 2.38 11.60
C GLY B 165 18.55 3.84 11.26
N PRO B 166 19.28 4.69 12.01
CA PRO B 166 19.13 6.14 11.92
C PRO B 166 19.21 6.75 10.53
N ALA B 167 18.30 7.70 10.30
CA ALA B 167 18.40 8.67 9.22
C ALA B 167 18.79 10.01 9.84
N LEU B 168 19.57 10.79 9.11
CA LEU B 168 20.21 11.97 9.68
C LEU B 168 19.23 12.93 10.36
N ILE B 169 18.16 13.27 9.66
CA ILE B 169 17.24 14.30 10.13
C ILE B 169 16.33 13.83 11.27
N PRO B 170 15.51 12.80 11.05
CA PRO B 170 14.64 12.40 12.17
C PRO B 170 15.42 11.82 13.34
N SER B 171 16.48 11.05 13.07
CA SER B 171 17.12 10.34 14.16
C SER B 171 18.16 11.17 14.90
N PHE B 172 19.06 11.80 14.16
CA PHE B 172 20.13 12.55 14.80
C PHE B 172 19.81 14.02 15.03
N GLY B 173 18.70 14.51 14.49
CA GLY B 173 18.18 15.83 14.81
C GLY B 173 17.22 15.84 15.99
N GLU B 174 16.94 14.66 16.54
CA GLU B 174 16.15 14.54 17.77
C GLU B 174 16.86 15.25 18.93
N HIS B 175 16.10 15.99 19.74
CA HIS B 175 16.67 16.62 20.92
C HIS B 175 17.09 15.58 21.96
N PRO B 176 18.10 15.90 22.78
CA PRO B 176 18.36 15.10 23.97
C PRO B 176 17.07 15.02 24.79
N PRO B 177 16.88 13.96 25.57
CA PRO B 177 17.86 12.92 25.89
C PRO B 177 17.88 11.74 24.92
N LEU B 178 16.84 11.57 24.13
CA LEU B 178 16.68 10.32 23.41
C LEU B 178 17.73 10.12 22.31
N VAL B 179 18.22 11.21 21.72
CA VAL B 179 19.19 11.08 20.64
C VAL B 179 20.46 10.37 21.11
N ASP B 180 20.82 10.52 22.38
CA ASP B 180 22.04 9.91 22.88
C ASP B 180 21.92 8.39 22.91
N ILE B 181 20.73 7.89 23.18
CA ILE B 181 20.50 6.46 23.21
C ILE B 181 20.52 5.88 21.78
N THR B 182 19.92 6.60 20.84
CA THR B 182 20.02 6.23 19.44
C THR B 182 21.48 6.16 19.00
N TYR B 183 22.25 7.18 19.35
CA TYR B 183 23.64 7.21 18.95
C TYR B 183 24.45 6.07 19.55
N GLU B 184 24.21 5.77 20.83
CA GLU B 184 24.94 4.70 21.48
C GLU B 184 24.75 3.36 20.76
N SER B 185 23.54 3.08 20.28
CA SER B 185 23.34 1.84 19.53
C SER B 185 24.03 1.88 18.16
N PHE B 186 23.87 2.99 17.45
CA PHE B 186 24.50 3.21 16.16
C PHE B 186 26.02 2.94 16.25
N ILE B 187 26.68 3.61 17.18
CA ILE B 187 28.13 3.49 17.26
C ILE B 187 28.56 2.10 17.77
N LYS B 188 27.81 1.52 18.70
CA LYS B 188 28.14 0.17 19.17
C LYS B 188 28.04 -0.88 18.07
N ILE B 189 26.91 -0.90 17.39
CA ILE B 189 26.65 -1.92 16.37
C ILE B 189 27.68 -1.83 15.23
N LEU B 190 27.99 -0.61 14.81
CA LEU B 190 28.79 -0.42 13.62
C LEU B 190 30.30 -0.43 13.88
N THR B 191 30.72 -0.19 15.13
CA THR B 191 32.17 -0.17 15.42
C THR B 191 32.68 -1.37 16.22
N ARG B 192 31.80 -2.14 16.84
CA ARG B 192 32.23 -3.23 17.71
C ARG B 192 33.03 -4.31 16.97
N LYS B 193 33.88 -5.00 17.70
CA LYS B 193 34.54 -6.18 17.16
C LYS B 193 33.52 -7.24 16.83
N GLN B 194 33.71 -7.92 15.71
CA GLN B 194 32.79 -8.95 15.25
C GLN B 194 33.19 -10.30 15.83
N SER B 195 33.06 -10.44 17.14
CA SER B 195 33.38 -11.69 17.82
C SER B 195 32.32 -11.99 18.87
N GLY B 196 31.77 -13.19 18.83
CA GLY B 196 30.71 -13.57 19.74
C GLY B 196 29.43 -12.86 19.38
N ILE B 197 28.33 -13.30 19.99
CA ILE B 197 27.03 -12.71 19.70
C ILE B 197 26.95 -11.32 20.31
N TYR B 198 26.05 -10.50 19.76
CA TYR B 198 25.76 -9.21 20.34
C TYR B 198 24.32 -9.19 20.85
N THR B 199 24.13 -8.93 22.14
CA THR B 199 22.80 -8.88 22.74
C THR B 199 22.37 -7.44 22.93
N TYR B 200 21.22 -7.07 22.37
CA TYR B 200 20.73 -5.71 22.44
C TYR B 200 20.41 -5.25 23.86
N THR B 201 20.74 -4.00 24.14
CA THR B 201 20.25 -3.31 25.32
C THR B 201 18.79 -2.94 25.09
N LEU B 202 18.06 -2.71 26.18
CA LEU B 202 16.67 -2.33 26.13
C LEU B 202 16.57 -0.88 26.60
N PRO B 203 16.16 0.04 25.71
CA PRO B 203 16.02 1.43 26.17
C PRO B 203 15.09 1.51 27.39
N GLU B 204 15.49 2.31 28.38
CA GLU B 204 14.71 2.42 29.60
C GLU B 204 13.41 3.15 29.37
N LYS B 205 13.44 4.15 28.49
CA LYS B 205 12.27 4.96 28.19
C LYS B 205 12.23 5.23 26.70
N TRP B 206 11.03 5.51 26.19
CA TRP B 206 10.84 5.80 24.77
C TRP B 206 9.69 6.78 24.60
N SER B 207 9.57 7.35 23.41
CA SER B 207 8.44 8.22 23.10
C SER B 207 8.11 8.16 21.62
N ASP B 208 6.88 8.53 21.30
CA ASP B 208 6.46 8.66 19.92
C ASP B 208 5.76 9.99 19.64
N GLU B 209 5.80 10.94 20.58
CA GLU B 209 5.06 12.17 20.37
C GLU B 209 5.55 13.00 19.19
N SER B 210 4.61 13.59 18.48
CA SER B 210 4.89 14.43 17.33
C SER B 210 4.99 15.88 17.76
N ILE B 211 6.03 16.18 18.52
CA ILE B 211 6.37 17.55 18.93
C ILE B 211 7.88 17.72 18.81
N ASN B 212 8.33 18.95 19.01
CA ASN B 212 9.75 19.25 19.01
C ASN B 212 10.46 18.86 17.71
N TRP B 213 9.81 19.14 16.59
CA TRP B 213 10.32 18.67 15.30
C TRP B 213 11.44 19.55 14.71
N ASN B 214 11.13 20.81 14.40
CA ASN B 214 12.00 21.63 13.54
C ASN B 214 12.23 23.04 14.07
N GLU B 215 12.51 23.17 15.37
CA GLU B 215 12.83 24.48 15.94
C GLU B 215 14.08 24.38 16.80
N ASN B 216 14.63 25.53 17.17
CA ASN B 216 15.85 25.54 17.96
C ASN B 216 15.67 24.91 19.33
N LYS B 217 14.53 25.18 19.96
CA LYS B 217 14.25 24.71 21.31
C LYS B 217 13.03 23.82 21.33
N ILE B 218 12.98 22.91 22.31
CA ILE B 218 11.76 22.13 22.52
C ILE B 218 10.62 23.03 22.96
N LEU B 219 9.41 22.67 22.60
CA LEU B 219 8.22 23.28 23.18
C LEU B 219 8.11 22.90 24.65
N ARG B 220 8.25 21.61 24.91
CA ARG B 220 8.16 21.03 26.25
C ARG B 220 8.66 19.61 26.10
N PRO B 221 9.13 18.99 27.20
CA PRO B 221 9.65 17.63 27.09
C PRO B 221 8.61 16.62 26.62
N LYS B 222 9.03 15.69 25.75
CA LYS B 222 8.18 14.56 25.38
C LYS B 222 7.84 13.71 26.59
N LYS B 223 6.64 13.13 26.57
CA LYS B 223 6.27 12.06 27.49
C LYS B 223 7.28 10.93 27.31
N LEU B 224 7.79 10.42 28.42
CA LEU B 224 8.71 9.29 28.40
C LEU B 224 8.01 8.07 28.98
N TYR B 225 7.79 7.08 28.12
CA TYR B 225 7.10 5.86 28.50
C TYR B 225 8.07 4.80 28.97
N LYS B 226 7.69 4.05 30.00
CA LYS B 226 8.43 2.85 30.35
C LYS B 226 8.37 1.86 29.17
N ASN B 227 9.42 1.07 29.01
CA ASN B 227 9.45 0.12 27.91
C ASN B 227 8.51 -1.03 28.13
N ASN B 228 7.50 -1.13 27.28
CA ASN B 228 6.46 -2.13 27.40
C ASN B 228 6.56 -3.25 26.36
N CYS B 229 7.75 -3.44 25.81
CA CYS B 229 8.04 -4.55 24.90
CA CYS B 229 7.91 -4.54 24.86
C CYS B 229 7.58 -5.86 25.53
N ALA B 230 7.02 -6.78 24.76
CA ALA B 230 6.53 -8.05 25.28
C ALA B 230 7.03 -9.19 24.40
N PHE B 231 7.38 -10.30 25.03
CA PHE B 231 7.85 -11.49 24.33
C PHE B 231 6.77 -12.57 24.44
N TYR B 232 6.08 -12.82 23.33
CA TYR B 232 5.03 -13.83 23.30
C TYR B 232 5.55 -15.14 22.73
N GLY B 233 5.81 -16.10 23.61
CA GLY B 233 6.34 -17.37 23.20
C GLY B 233 7.28 -17.90 24.24
N SER B 234 7.93 -19.02 23.94
CA SER B 234 8.90 -19.61 24.83
C SER B 234 10.06 -20.17 24.03
N GLY B 235 11.13 -20.51 24.71
CA GLY B 235 12.30 -21.05 24.05
C GLY B 235 13.06 -19.99 23.26
N LYS B 236 13.91 -20.45 22.37
CA LYS B 236 14.78 -19.58 21.58
C LYS B 236 14.57 -19.87 20.11
N VAL B 237 14.42 -18.82 19.31
CA VAL B 237 14.30 -18.94 17.87
C VAL B 237 15.45 -18.21 17.20
N GLU B 238 16.16 -18.88 16.31
CA GLU B 238 17.27 -18.29 15.59
C GLU B 238 17.04 -18.42 14.09
N GLY B 239 17.16 -17.31 13.36
CA GLY B 239 16.94 -17.33 11.91
C GLY B 239 17.32 -16.02 11.28
N ARG B 240 17.48 -16.03 9.97
CA ARG B 240 17.80 -14.83 9.21
C ARG B 240 16.68 -13.80 9.32
N VAL B 241 17.02 -12.56 9.68
CA VAL B 241 16.01 -11.52 9.75
C VAL B 241 15.81 -10.83 8.41
N ILE B 242 14.55 -10.61 8.03
CA ILE B 242 14.22 -9.97 6.77
C ILE B 242 13.04 -9.05 7.01
N GLY B 243 13.03 -7.90 6.34
CA GLY B 243 11.86 -7.03 6.36
C GLY B 243 12.19 -5.55 6.39
N GLY B 244 11.49 -4.81 7.24
CA GLY B 244 11.63 -3.36 7.33
C GLY B 244 10.27 -2.72 7.52
N ASN B 245 10.09 -1.55 6.93
CA ASN B 245 8.81 -0.86 7.00
C ASN B 245 7.80 -1.59 6.13
N LEU B 246 6.74 -2.10 6.72
CA LEU B 246 5.83 -2.99 6.02
C LEU B 246 5.05 -2.28 4.93
N ASN B 247 4.50 -1.10 5.22
CA ASN B 247 3.82 -0.37 4.17
C ASN B 247 4.74 -0.11 2.98
N THR B 248 5.99 0.24 3.24
CA THR B 248 6.94 0.48 2.14
C THR B 248 7.22 -0.77 1.31
N LEU B 249 7.23 -1.95 1.94
CA LEU B 249 7.47 -3.19 1.22
C LEU B 249 6.44 -3.41 0.11
N THR B 250 5.23 -2.90 0.28
CA THR B 250 4.23 -3.03 -0.77
C THR B 250 4.68 -2.41 -2.10
N GLY B 251 5.60 -1.44 -2.06
CA GLY B 251 6.06 -0.79 -3.27
C GLY B 251 7.09 -1.57 -4.07
N ILE B 252 7.64 -2.64 -3.49
CA ILE B 252 8.58 -3.51 -4.19
C ILE B 252 8.09 -4.96 -4.27
N TRP B 253 6.95 -5.23 -3.62
CA TRP B 253 6.45 -6.59 -3.50
C TRP B 253 6.23 -7.22 -4.88
N GLY B 254 6.60 -8.49 -5.01
CA GLY B 254 6.39 -9.22 -6.26
C GLY B 254 7.52 -9.06 -7.26
N SER B 255 8.36 -8.04 -7.07
CA SER B 255 9.44 -7.74 -8.01
C SER B 255 10.75 -8.43 -7.64
N GLU B 256 11.71 -8.35 -8.54
CA GLU B 256 13.04 -8.89 -8.33
C GLU B 256 13.78 -8.18 -7.20
N TRP B 257 13.24 -7.04 -6.75
CA TRP B 257 13.86 -6.29 -5.65
C TRP B 257 13.32 -6.65 -4.27
N MET B 258 12.28 -7.47 -4.21
CA MET B 258 11.79 -7.97 -2.93
C MET B 258 12.54 -9.25 -2.55
N PRO B 259 13.33 -9.21 -1.47
CA PRO B 259 14.02 -10.45 -1.07
C PRO B 259 13.03 -11.57 -0.80
N GLU B 260 13.34 -12.76 -1.28
CA GLU B 260 12.50 -13.93 -1.02
C GLU B 260 12.54 -14.26 0.47
N ILE B 261 11.37 -14.41 1.06
CA ILE B 261 11.24 -14.88 2.44
C ILE B 261 11.22 -16.40 2.44
N ARG B 262 12.00 -16.99 3.34
CA ARG B 262 12.20 -18.43 3.32
C ARG B 262 11.84 -19.07 4.64
N ASN B 263 11.56 -20.37 4.59
CA ASN B 263 11.29 -21.14 5.80
C ASN B 263 12.36 -20.87 6.86
N GLY B 264 11.91 -20.56 8.07
CA GLY B 264 12.82 -20.34 9.16
C GLY B 264 13.27 -18.90 9.36
N ASP B 265 12.98 -18.01 8.43
CA ASP B 265 13.32 -16.60 8.60
C ASP B 265 12.60 -16.01 9.81
N ILE B 266 13.18 -14.95 10.36
CA ILE B 266 12.50 -14.09 11.33
C ILE B 266 12.01 -12.86 10.59
N LEU B 267 10.70 -12.59 10.62
CA LEU B 267 10.16 -11.43 9.94
C LEU B 267 10.26 -10.22 10.86
N PHE B 268 10.89 -9.15 10.39
CA PHE B 268 10.92 -7.87 11.10
C PHE B 268 10.05 -6.88 10.33
N ILE B 269 9.04 -6.33 11.01
CA ILE B 269 8.15 -5.36 10.39
C ILE B 269 7.82 -4.23 11.37
N GLU B 270 7.77 -3.01 10.86
CA GLU B 270 7.30 -1.88 11.65
C GLU B 270 6.51 -0.95 10.74
N ASP B 271 5.58 -0.22 11.33
CA ASP B 271 4.85 0.81 10.60
C ASP B 271 4.69 2.05 11.49
N SER B 272 4.25 3.14 10.87
CA SER B 272 4.15 4.44 11.53
C SER B 272 2.84 5.16 11.19
N ARG B 273 2.18 5.67 12.23
CA ARG B 273 1.04 6.55 12.10
C ARG B 273 -0.08 5.96 11.25
N LYS B 274 -0.27 4.65 11.35
CA LYS B 274 -1.34 4.01 10.60
C LYS B 274 -2.60 3.81 11.43
N SER B 275 -3.71 3.76 10.71
CA SER B 275 -4.95 3.30 11.30
CA SER B 275 -4.95 3.30 11.30
C SER B 275 -4.92 1.77 11.46
N ILE B 276 -5.69 1.30 12.43
CA ILE B 276 -5.88 -0.12 12.62
C ILE B 276 -6.43 -0.75 11.34
N ALA B 277 -7.25 -0.02 10.58
CA ALA B 277 -7.73 -0.54 9.30
C ALA B 277 -6.58 -0.89 8.35
N THR B 278 -5.61 0.02 8.25
CA THR B 278 -4.45 -0.21 7.38
C THR B 278 -3.58 -1.34 7.92
N VAL B 279 -3.39 -1.39 9.23
CA VAL B 279 -2.62 -2.47 9.83
C VAL B 279 -3.23 -3.85 9.55
N GLU B 280 -4.55 -3.97 9.67
CA GLU B 280 -5.20 -5.23 9.32
C GLU B 280 -4.93 -5.59 7.85
N ARG B 281 -5.04 -4.61 6.96
CA ARG B 281 -4.81 -4.84 5.54
C ARG B 281 -3.41 -5.37 5.27
N LEU B 282 -2.41 -4.76 5.90
CA LEU B 282 -1.02 -5.16 5.67
C LEU B 282 -0.71 -6.53 6.26
N PHE B 283 -1.26 -6.82 7.44
CA PHE B 283 -1.06 -8.14 8.04
C PHE B 283 -1.75 -9.20 7.16
N SER B 284 -2.94 -8.92 6.66
CA SER B 284 -3.61 -9.87 5.77
C SER B 284 -2.85 -10.07 4.45
N MET B 285 -2.22 -9.00 3.93
CA MET B 285 -1.36 -9.15 2.76
C MET B 285 -0.29 -10.21 2.99
N LEU B 286 0.38 -10.12 4.14
CA LEU B 286 1.40 -11.11 4.48
C LEU B 286 0.81 -12.52 4.56
N LYS B 287 -0.35 -12.63 5.19
CA LYS B 287 -1.00 -13.93 5.30
C LYS B 287 -1.29 -14.52 3.92
N LEU B 288 -1.86 -13.70 3.03
CA LEU B 288 -2.21 -14.19 1.69
C LEU B 288 -0.97 -14.67 0.95
N ASN B 289 0.15 -14.05 1.25
CA ASN B 289 1.41 -14.38 0.61
C ASN B 289 2.17 -15.56 1.24
N ARG B 290 1.50 -16.25 2.17
CA ARG B 290 2.04 -17.44 2.83
C ARG B 290 3.24 -17.15 3.72
N VAL B 291 3.46 -15.89 4.05
CA VAL B 291 4.57 -15.52 4.90
C VAL B 291 4.48 -16.22 6.26
N PHE B 292 3.28 -16.34 6.80
CA PHE B 292 3.09 -16.92 8.13
C PHE B 292 3.18 -18.45 8.11
N ASP B 293 3.29 -19.04 6.92
CA ASP B 293 3.57 -20.47 6.80
C ASP B 293 5.07 -20.74 6.82
N LYS B 294 5.87 -19.68 6.65
CA LYS B 294 7.31 -19.82 6.54
C LYS B 294 8.09 -19.37 7.77
N VAL B 295 7.73 -18.22 8.34
CA VAL B 295 8.60 -17.60 9.33
C VAL B 295 8.53 -18.28 10.69
N SER B 296 9.66 -18.28 11.40
CA SER B 296 9.72 -18.94 12.70
CA SER B 296 9.80 -18.93 12.71
C SER B 296 9.46 -17.99 13.87
N ALA B 297 9.50 -16.69 13.61
CA ALA B 297 9.17 -15.68 14.61
C ALA B 297 8.89 -14.37 13.89
N ILE B 298 8.23 -13.46 14.58
CA ILE B 298 7.96 -12.12 14.07
C ILE B 298 8.42 -11.09 15.10
N ILE B 299 9.11 -10.07 14.63
CA ILE B 299 9.44 -8.89 15.42
C ILE B 299 8.58 -7.72 14.95
N LEU B 300 7.76 -7.18 15.84
CA LEU B 300 7.02 -5.96 15.55
C LEU B 300 7.76 -4.79 16.18
N GLY B 301 8.21 -3.84 15.36
CA GLY B 301 8.75 -2.61 15.91
C GLY B 301 7.64 -1.80 16.56
N LYS B 302 7.97 -1.00 17.58
CA LYS B 302 6.94 -0.14 18.17
C LYS B 302 6.33 0.73 17.07
N HIS B 303 5.01 0.85 17.07
CA HIS B 303 4.28 1.61 16.05
C HIS B 303 4.06 3.04 16.51
N GLU B 304 4.65 4.01 15.83
CA GLU B 304 4.52 5.42 16.19
C GLU B 304 3.07 5.90 16.04
N LEU B 305 2.46 6.34 17.15
CA LEU B 305 1.15 6.97 17.11
C LEU B 305 0.11 6.13 16.34
N PHE B 306 0.02 4.85 16.69
CA PHE B 306 -0.99 3.97 16.12
C PHE B 306 -2.39 4.51 16.43
N ASP B 307 -3.28 4.48 15.44
CA ASP B 307 -4.64 4.95 15.62
C ASP B 307 -5.58 3.75 15.66
N CYS B 308 -6.05 3.40 16.86
CA CYS B 308 -6.86 2.19 17.04
C CYS B 308 -8.35 2.43 16.79
N ALA B 309 -8.69 3.63 16.34
CA ALA B 309 -10.07 3.96 15.98
C ALA B 309 -11.06 3.76 17.13
N GLY B 310 -10.60 3.97 18.36
CA GLY B 310 -11.45 3.85 19.53
C GLY B 310 -11.63 2.43 20.05
N SER B 311 -11.05 1.45 19.35
CA SER B 311 -11.22 0.04 19.72
C SER B 311 -10.36 -0.39 20.90
N LYS B 312 -9.34 0.42 21.19
CA LYS B 312 -8.36 0.11 22.23
C LYS B 312 -7.50 -1.13 21.92
N ARG B 313 -7.59 -1.63 20.70
CA ARG B 313 -6.79 -2.78 20.29
C ARG B 313 -5.40 -2.36 19.86
N ARG B 314 -4.40 -3.19 20.15
CA ARG B 314 -3.05 -2.94 19.68
C ARG B 314 -2.74 -3.84 18.48
N PRO B 315 -1.67 -3.51 17.75
CA PRO B 315 -1.37 -4.29 16.54
C PRO B 315 -1.24 -5.80 16.79
N TYR B 316 -0.69 -6.21 17.93
CA TYR B 316 -0.53 -7.64 18.17
C TYR B 316 -1.87 -8.37 18.20
N GLU B 317 -2.90 -7.71 18.72
CA GLU B 317 -4.22 -8.32 18.74
C GLU B 317 -4.77 -8.53 17.33
N VAL B 318 -4.54 -7.55 16.45
CA VAL B 318 -4.95 -7.67 15.04
C VAL B 318 -4.18 -8.81 14.36
N LEU B 319 -2.87 -8.86 14.59
CA LEU B 319 -2.06 -9.94 14.05
C LEU B 319 -2.60 -11.30 14.49
N THR B 320 -2.96 -11.42 15.77
CA THR B 320 -3.49 -12.67 16.30
CA THR B 320 -3.46 -12.69 16.26
C THR B 320 -4.75 -13.11 15.55
N GLU B 321 -5.65 -12.17 15.28
CA GLU B 321 -6.84 -12.54 14.51
C GLU B 321 -6.44 -13.03 13.12
N VAL B 322 -5.57 -12.28 12.45
CA VAL B 322 -5.16 -12.63 11.09
C VAL B 322 -4.49 -14.01 11.06
N LEU B 323 -3.69 -14.31 12.07
CA LEU B 323 -2.97 -15.59 12.12
C LEU B 323 -3.90 -16.81 12.14
N ASP B 324 -5.12 -16.63 12.63
CA ASP B 324 -6.12 -17.70 12.59
C ASP B 324 -5.60 -19.01 13.18
N GLY B 325 -4.98 -18.91 14.35
CA GLY B 325 -4.55 -20.09 15.08
C GLY B 325 -3.12 -20.52 14.80
N LYS B 326 -2.48 -19.93 13.80
CA LYS B 326 -1.09 -20.25 13.52
C LYS B 326 -0.22 -19.73 14.66
N GLN B 327 0.47 -20.63 15.35
CA GLN B 327 1.28 -20.25 16.49
C GLN B 327 2.67 -19.83 16.04
N ILE B 328 2.95 -18.54 16.13
CA ILE B 328 4.27 -18.01 15.81
C ILE B 328 4.66 -17.11 16.97
N PRO B 329 5.85 -17.33 17.54
CA PRO B 329 6.23 -16.43 18.63
C PRO B 329 6.53 -15.02 18.12
N VAL B 330 6.19 -14.03 18.94
CA VAL B 330 6.27 -12.63 18.53
C VAL B 330 6.98 -11.79 19.58
N LEU B 331 7.97 -11.02 19.15
CA LEU B 331 8.57 -9.98 19.98
C LEU B 331 7.80 -8.71 19.62
N ASP B 332 6.93 -8.26 20.52
CA ASP B 332 6.09 -7.11 20.26
C ASP B 332 6.67 -5.87 20.90
N GLY B 333 7.18 -4.94 20.10
CA GLY B 333 7.65 -3.67 20.60
C GLY B 333 9.16 -3.48 20.60
N PHE B 334 9.85 -4.06 19.64
CA PHE B 334 11.28 -3.82 19.48
C PHE B 334 11.52 -2.35 19.13
N ASP B 335 12.57 -1.76 19.71
CA ASP B 335 12.87 -0.35 19.53
C ASP B 335 13.71 -0.11 18.29
N CYS B 336 13.16 -0.51 17.14
CA CYS B 336 13.81 -0.27 15.86
C CYS B 336 12.70 0.09 14.89
N SER B 337 12.34 1.36 14.90
CA SER B 337 11.12 1.80 14.23
C SER B 337 11.13 3.33 14.17
N HIS B 338 9.96 3.94 14.04
CA HIS B 338 9.84 5.39 14.03
C HIS B 338 9.83 6.01 15.43
N THR B 339 9.75 5.19 16.47
CA THR B 339 9.78 5.74 17.84
C THR B 339 11.22 6.09 18.24
N HIS B 340 11.36 6.93 19.27
CA HIS B 340 12.67 7.32 19.81
C HIS B 340 12.84 6.71 21.20
N PRO B 341 14.03 6.19 21.51
CA PRO B 341 15.22 6.10 20.65
C PRO B 341 15.13 4.91 19.70
N MET B 342 16.05 4.85 18.76
CA MET B 342 16.04 3.83 17.73
C MET B 342 17.35 3.03 17.77
N LEU B 343 17.25 1.72 17.80
CA LEU B 343 18.40 0.83 17.72
C LEU B 343 18.76 0.58 16.26
N THR B 344 20.00 0.18 16.00
CA THR B 344 20.48 -0.14 14.67
C THR B 344 20.46 -1.66 14.47
N LEU B 345 19.89 -2.13 13.35
CA LEU B 345 19.69 -3.56 13.11
C LEU B 345 20.19 -3.96 11.71
N PRO B 346 21.18 -4.88 11.64
CA PRO B 346 21.55 -5.40 10.32
C PRO B 346 20.43 -6.28 9.79
N LEU B 347 20.11 -6.15 8.51
CA LEU B 347 19.11 -6.99 7.86
C LEU B 347 19.76 -8.06 6.99
N GLY B 348 19.22 -9.28 7.05
CA GLY B 348 19.71 -10.37 6.23
C GLY B 348 20.72 -11.28 6.88
N VAL B 349 20.93 -11.11 8.19
CA VAL B 349 21.78 -12.01 8.97
C VAL B 349 20.97 -12.64 10.09
N LYS B 350 21.53 -13.70 10.70
CA LYS B 350 20.84 -14.40 11.77
C LYS B 350 20.77 -13.61 13.07
N LEU B 351 19.59 -13.63 13.67
CA LEU B 351 19.35 -13.18 15.03
C LEU B 351 18.86 -14.35 15.85
N ALA B 352 19.02 -14.26 17.16
CA ALA B 352 18.40 -15.21 18.08
C ALA B 352 17.53 -14.46 19.06
N ILE B 353 16.26 -14.79 19.10
CA ILE B 353 15.36 -14.23 20.10
C ILE B 353 15.14 -15.27 21.19
N ASP B 354 15.50 -14.91 22.42
CA ASP B 354 15.26 -15.80 23.55
C ASP B 354 14.01 -15.33 24.25
N PHE B 355 12.92 -16.05 24.02
CA PHE B 355 11.64 -15.68 24.59
C PHE B 355 11.55 -15.93 26.09
N ASP B 356 12.35 -16.87 26.58
CA ASP B 356 12.36 -17.18 28.02
C ASP B 356 13.12 -16.11 28.79
N ASN B 357 14.25 -15.69 28.26
CA ASN B 357 15.08 -14.67 28.91
C ASN B 357 14.79 -13.23 28.45
N LYS B 358 13.83 -13.09 27.54
CA LYS B 358 13.41 -11.77 27.06
C LYS B 358 14.55 -10.95 26.50
N ASN B 359 15.28 -11.50 25.54
CA ASN B 359 16.34 -10.75 24.89
C ASN B 359 16.46 -11.13 23.41
N ILE B 360 17.25 -10.34 22.69
CA ILE B 360 17.42 -10.52 21.27
C ILE B 360 18.87 -10.22 20.92
N SER B 361 19.47 -11.08 20.10
CA SER B 361 20.88 -11.00 19.79
C SER B 361 21.15 -11.17 18.30
N ILE B 362 22.23 -10.54 17.84
CA ILE B 362 22.76 -10.81 16.51
C ILE B 362 23.77 -11.96 16.64
N THR B 363 23.63 -13.00 15.81
CA THR B 363 24.48 -14.17 15.96
C THR B 363 25.37 -14.46 14.76
N GLU B 364 25.26 -13.63 13.73
CA GLU B 364 26.03 -13.81 12.51
C GLU B 364 26.80 -12.54 12.18
N GLN B 365 28.05 -12.70 11.72
CA GLN B 365 28.90 -11.57 11.34
C GLN B 365 28.21 -10.71 10.29
N TYR B 366 28.25 -9.39 10.47
CA TYR B 366 27.50 -8.46 9.62
C TYR B 366 28.32 -7.30 9.09
N LEU B 367 29.60 -7.21 9.50
CA LEU B 367 30.57 -6.30 8.91
C LEU B 367 31.89 -7.03 8.81
N SER B 368 32.76 -6.59 7.90
CA SER B 368 34.11 -7.16 7.79
C SER B 368 34.89 -6.94 9.08
N THR B 369 35.79 -7.85 9.40
CA THR B 369 36.56 -7.75 10.64
C THR B 369 37.56 -6.59 10.60
N GLU B 370 37.90 -6.14 9.40
CA GLU B 370 38.82 -5.03 9.22
C GLU B 370 38.46 -4.17 8.02
#